data_4ROZ
# 
_entry.id   4ROZ 
# 
_audit_conform.dict_name       mmcif_pdbx.dic 
_audit_conform.dict_version    5.379 
_audit_conform.dict_location   http://mmcif.pdb.org/dictionaries/ascii/mmcif_pdbx.dic 
# 
loop_
_database_2.database_id 
_database_2.database_code 
_database_2.pdbx_database_accession 
_database_2.pdbx_DOI 
PDB   4ROZ         pdb_00004roz 10.2210/pdb4roz/pdb 
NDB   NA3271       ?            ?                   
RCSB  RCSB087616   ?            ?                   
WWPDB D_1000087616 ?            ?                   
# 
loop_
_pdbx_database_related.db_name 
_pdbx_database_related.db_id 
_pdbx_database_related.details 
_pdbx_database_related.content_type 
PDB 4RNK 'Sequence and structure of a self-assembled 3-D DNA crystal: D(GGAAAATTTGGAG)' unspecified 
PDB 1P1Y 'Crystal structure of a continuous three-dimensional DNA lattice.'             unspecified 
PDB 4RO4 .                                                                              unspecified 
PDB 4RO7 .                                                                              unspecified 
PDB 4RO8 .                                                                              unspecified 
PDB 4ROG .                                                                              unspecified 
PDB 4ROK .                                                                              unspecified 
PDB 4RON .                                                                              unspecified 
PDB 4ROO .                                                                              unspecified 
PDB 4ROY .                                                                              unspecified 
PDB 4RP0 .                                                                              unspecified 
PDB 4RP1 .                                                                              unspecified 
PDB 4RP2 .                                                                              unspecified 
# 
_pdbx_database_status.status_code                     REL 
_pdbx_database_status.entry_id                        4ROZ 
_pdbx_database_status.recvd_initial_deposition_date   2014-10-29 
_pdbx_database_status.deposit_site                    RCSB 
_pdbx_database_status.process_site                    RCSB 
_pdbx_database_status.status_code_sf                  REL 
_pdbx_database_status.status_code_mr                  ? 
_pdbx_database_status.SG_entry                        ? 
_pdbx_database_status.status_code_cs                  ? 
_pdbx_database_status.methods_development_category    ? 
_pdbx_database_status.pdb_format_compatible           Y 
_pdbx_database_status.status_code_nmr_data            ? 
# 
loop_
_audit_author.name 
_audit_author.pdbx_ordinal 
'Saoji, M.M.'      1 
'Paukstelis, P.J.' 2 
# 
loop_
_citation.id 
_citation.title 
_citation.journal_abbrev 
_citation.journal_volume 
_citation.page_first 
_citation.page_last 
_citation.year 
_citation.journal_id_ASTM 
_citation.country 
_citation.journal_id_ISSN 
_citation.journal_id_CSD 
_citation.book_publisher 
_citation.pdbx_database_id_PubMed 
_citation.pdbx_database_id_DOI 
primary 'Probing the role of sequence in the assembly of three-dimensional DNA crystals.' Biopolymers 103 618  626  2015 BIPMAA US 
0006-3525 0161 ? 26015367 10.1002/bip.22688              
1       'Crystal structure of a continuous three-dimensional DNA lattice.'                Chem.Biol.  11  1119 1126 2004 CBOLE2 UK 
1074-5521 2050 ? 15324813 10.1016/j.chembiol.2004.05.021 
# 
loop_
_citation_author.citation_id 
_citation_author.name 
_citation_author.ordinal 
_citation_author.identifier_ORCID 
primary 'Saoji, M.'        1 ? 
primary 'Zhang, D.'        2 ? 
primary 'Paukstelis, P.J.' 3 ? 
1       'Paukstelis, P.J.' 4 ? 
1       'Nowakowski, J.'   5 ? 
1       'Birktoft, J.J.'   6 ? 
1       'Seeman, N.C.'     7 ? 
# 
_cell.entry_id           4ROZ 
_cell.length_a           40.755 
_cell.length_b           40.755 
_cell.length_c           51.819 
_cell.angle_alpha        90.00 
_cell.angle_beta         90.00 
_cell.angle_gamma        120.00 
_cell.Z_PDB              6 
_cell.pdbx_unique_axis   ? 
_cell.length_a_esd       ? 
_cell.length_b_esd       ? 
_cell.length_c_esd       ? 
_cell.angle_alpha_esd    ? 
_cell.angle_beta_esd     ? 
_cell.angle_gamma_esd    ? 
# 
_symmetry.entry_id                         4ROZ 
_symmetry.space_group_name_H-M             'P 64' 
_symmetry.pdbx_full_space_group_name_H-M   ? 
_symmetry.cell_setting                     ? 
_symmetry.Int_Tables_number                172 
_symmetry.space_group_name_Hall            ? 
# 
loop_
_entity.id 
_entity.type 
_entity.src_method 
_entity.pdbx_description 
_entity.formula_weight 
_entity.pdbx_number_of_molecules 
_entity.pdbx_ec 
_entity.pdbx_mutation 
_entity.pdbx_fragment 
_entity.details 
1 polymer     syn 'D(GGACGGCCGGGAG)' 4082.647 1 ? ? ? ? 
2 non-polymer syn 'MAGNESIUM ION'    24.305   1 ? ? ? ? 
3 water       nat water              18.015   1 ? ? ? ? 
# 
_entity_poly.entity_id                      1 
_entity_poly.type                           polydeoxyribonucleotide 
_entity_poly.nstd_linkage                   no 
_entity_poly.nstd_monomer                   no 
_entity_poly.pdbx_seq_one_letter_code       '(DG)(DG)(DA)(DC)(DG)(DG)(DC)(DC)(DG)(DG)(DG)(DA)(DG)' 
_entity_poly.pdbx_seq_one_letter_code_can   GGACGGCCGGGAG 
_entity_poly.pdbx_strand_id                 A 
_entity_poly.pdbx_target_identifier         ? 
# 
loop_
_entity_poly_seq.entity_id 
_entity_poly_seq.num 
_entity_poly_seq.mon_id 
_entity_poly_seq.hetero 
1 1  DG n 
1 2  DG n 
1 3  DA n 
1 4  DC n 
1 5  DG n 
1 6  DG n 
1 7  DC n 
1 8  DC n 
1 9  DG n 
1 10 DG n 
1 11 DG n 
1 12 DA n 
1 13 DG n 
# 
_pdbx_entity_src_syn.entity_id              1 
_pdbx_entity_src_syn.pdbx_src_id            1 
_pdbx_entity_src_syn.pdbx_alt_source_flag   sample 
_pdbx_entity_src_syn.pdbx_beg_seq_num       ? 
_pdbx_entity_src_syn.pdbx_end_seq_num       ? 
_pdbx_entity_src_syn.organism_scientific    ? 
_pdbx_entity_src_syn.organism_common_name   ? 
_pdbx_entity_src_syn.ncbi_taxonomy_id       ? 
_pdbx_entity_src_syn.details                'DNA molecule synthesized using a DNA synthesizer.' 
# 
_struct_ref.id                         1 
_struct_ref.db_name                    PDB 
_struct_ref.db_code                    4ROZ 
_struct_ref.pdbx_db_accession          4ROZ 
_struct_ref.entity_id                  1 
_struct_ref.pdbx_align_begin           ? 
_struct_ref.pdbx_seq_one_letter_code   GGACGGCCGGGAG 
_struct_ref.pdbx_db_isoform            ? 
# 
_struct_ref_seq.align_id                      1 
_struct_ref_seq.ref_id                        1 
_struct_ref_seq.pdbx_PDB_id_code              4ROZ 
_struct_ref_seq.pdbx_strand_id                A 
_struct_ref_seq.seq_align_beg                 1 
_struct_ref_seq.pdbx_seq_align_beg_ins_code   ? 
_struct_ref_seq.seq_align_end                 13 
_struct_ref_seq.pdbx_seq_align_end_ins_code   ? 
_struct_ref_seq.pdbx_db_accession             4ROZ 
_struct_ref_seq.db_align_beg                  1 
_struct_ref_seq.pdbx_db_align_beg_ins_code    ? 
_struct_ref_seq.db_align_end                  13 
_struct_ref_seq.pdbx_db_align_end_ins_code    ? 
_struct_ref_seq.pdbx_auth_seq_align_beg       1 
_struct_ref_seq.pdbx_auth_seq_align_end       13 
# 
loop_
_chem_comp.id 
_chem_comp.type 
_chem_comp.mon_nstd_flag 
_chem_comp.name 
_chem_comp.pdbx_synonyms 
_chem_comp.formula 
_chem_comp.formula_weight 
DA  'DNA linking' y "2'-DEOXYADENOSINE-5'-MONOPHOSPHATE" ? 'C10 H14 N5 O6 P' 331.222 
DC  'DNA linking' y "2'-DEOXYCYTIDINE-5'-MONOPHOSPHATE"  ? 'C9 H14 N3 O7 P'  307.197 
DG  'DNA linking' y "2'-DEOXYGUANOSINE-5'-MONOPHOSPHATE" ? 'C10 H14 N5 O7 P' 347.221 
HOH non-polymer   . WATER                                ? 'H2 O'            18.015  
MG  non-polymer   . 'MAGNESIUM ION'                      ? 'Mg 2'            24.305  
# 
_exptl.entry_id          4ROZ 
_exptl.method            'X-RAY DIFFRACTION' 
_exptl.crystals_number   1 
# 
_exptl_crystal.id                    1 
_exptl_crystal.density_meas          ? 
_exptl_crystal.density_Matthews      3.04 
_exptl_crystal.density_percent_sol   59.58 
_exptl_crystal.description           ? 
_exptl_crystal.F_000                 ? 
_exptl_crystal.preparation           ? 
# 
_exptl_crystal_grow.crystal_id      1 
_exptl_crystal_grow.method          EVAPORATION 
_exptl_crystal_grow.temp            298 
_exptl_crystal_grow.temp_details    ? 
_exptl_crystal_grow.pH              ? 
_exptl_crystal_grow.pdbx_details    
'120mM Magnesium Formate, 50mM Lithium Chloride, 10% MPD, pH none, EVAPORATION, temperature 298K' 
_exptl_crystal_grow.pdbx_pH_range   none 
# 
_diffrn.id                     1 
_diffrn.ambient_temp           100 
_diffrn.ambient_temp_details   ? 
_diffrn.crystal_id             1 
# 
_diffrn_detector.diffrn_id              1 
_diffrn_detector.detector               PIXEL 
_diffrn_detector.type                   'DECTRIS PILATUS 6M-F' 
_diffrn_detector.pdbx_collection_date   2014-06-29 
_diffrn_detector.details                ? 
# 
_diffrn_radiation.diffrn_id                        1 
_diffrn_radiation.wavelength_id                    1 
_diffrn_radiation.pdbx_monochromatic_or_laue_m_l   M 
_diffrn_radiation.monochromator                    'Si(111)' 
_diffrn_radiation.pdbx_diffrn_protocol             'SINGLE WAVELENGTH' 
_diffrn_radiation.pdbx_scattering_type             x-ray 
# 
_diffrn_radiation_wavelength.id           1 
_diffrn_radiation_wavelength.wavelength   0.979200 
_diffrn_radiation_wavelength.wt           1.0 
# 
_diffrn_source.diffrn_id                   1 
_diffrn_source.source                      SYNCHROTRON 
_diffrn_source.type                        'APS BEAMLINE 24-ID-C' 
_diffrn_source.pdbx_synchrotron_site       APS 
_diffrn_source.pdbx_synchrotron_beamline   24-ID-C 
_diffrn_source.pdbx_wavelength             ? 
_diffrn_source.pdbx_wavelength_list        0.979200 
# 
_reflns.entry_id                     4ROZ 
_reflns.observed_criterion_sigma_I   0 
_reflns.observed_criterion_sigma_F   0 
_reflns.d_resolution_low             35.29 
_reflns.d_resolution_high            2.08 
_reflns.number_obs                   2663 
_reflns.number_all                   ? 
_reflns.percent_possible_obs         ? 
_reflns.pdbx_Rmerge_I_obs            0.030 
_reflns.pdbx_Rsym_value              ? 
_reflns.pdbx_netI_over_sigmaI        19.5 
_reflns.B_iso_Wilson_estimate        ? 
_reflns.pdbx_redundancy              2.8 
_reflns.R_free_details               ? 
_reflns.limit_h_max                  ? 
_reflns.limit_h_min                  ? 
_reflns.limit_k_max                  ? 
_reflns.limit_k_min                  ? 
_reflns.limit_l_max                  ? 
_reflns.limit_l_min                  ? 
_reflns.observed_criterion_F_max     ? 
_reflns.observed_criterion_F_min     ? 
_reflns.pdbx_chi_squared             ? 
_reflns.pdbx_scaling_rejects         ? 
_reflns.pdbx_ordinal                 1 
_reflns.pdbx_diffrn_id               1 
# 
_reflns_shell.d_res_high             2.08 
_reflns_shell.d_res_low              2.19 
_reflns_shell.percent_possible_all   ? 
_reflns_shell.Rmerge_I_obs           0.456 
_reflns_shell.pdbx_Rsym_value        ? 
_reflns_shell.meanI_over_sigI_obs    1.2 
_reflns_shell.pdbx_redundancy        1.5 
_reflns_shell.percent_possible_obs   ? 
_reflns_shell.number_unique_all      322 
_reflns_shell.number_measured_all    ? 
_reflns_shell.number_measured_obs    ? 
_reflns_shell.number_unique_obs      ? 
_reflns_shell.pdbx_chi_squared       ? 
_reflns_shell.pdbx_ordinal           1 
_reflns_shell.pdbx_diffrn_id         1 
# 
_refine.entry_id                                 4ROZ 
_refine.ls_number_reflns_obs                     2397 
_refine.ls_number_reflns_all                     ? 
_refine.pdbx_ls_sigma_I                          ? 
_refine.pdbx_ls_sigma_F                          . 
_refine.pdbx_data_cutoff_high_absF               ? 
_refine.pdbx_data_cutoff_low_absF                ? 
_refine.pdbx_data_cutoff_high_rms_absF           ? 
_refine.ls_d_res_low                             35.29 
_refine.ls_d_res_high                            2.08 
_refine.ls_percent_reflns_obs                    88.73 
_refine.ls_R_factor_obs                          0.22317 
_refine.ls_R_factor_all                          ? 
_refine.ls_R_factor_R_work                       0.22084 
_refine.ls_R_factor_R_free                       0.24424 
_refine.ls_R_factor_R_free_error                 ? 
_refine.ls_R_factor_R_free_error_details         ? 
_refine.ls_percent_reflns_R_free                 9.6 
_refine.ls_number_reflns_R_free                  256 
_refine.ls_number_parameters                     ? 
_refine.ls_number_restraints                     ? 
_refine.occupancy_min                            ? 
_refine.occupancy_max                            ? 
_refine.correlation_coeff_Fo_to_Fc               0.967 
_refine.correlation_coeff_Fo_to_Fc_free          0.963 
_refine.B_iso_mean                               76.013 
_refine.aniso_B[1][1]                            -0.33 
_refine.aniso_B[2][2]                            -0.33 
_refine.aniso_B[3][3]                            1.08 
_refine.aniso_B[1][2]                            -0.17 
_refine.aniso_B[1][3]                            -0.00 
_refine.aniso_B[2][3]                            0.00 
_refine.solvent_model_details                    MASK 
_refine.solvent_model_param_ksol                 ? 
_refine.solvent_model_param_bsol                 ? 
_refine.pdbx_solvent_vdw_probe_radii             1.00 
_refine.pdbx_solvent_ion_probe_radii             0.80 
_refine.pdbx_solvent_shrinkage_radii             0.80 
_refine.pdbx_ls_cross_valid_method               THROUGHOUT 
_refine.details                                  'HYDROGENS HAVE BEEN ADDED IN THE RIDING POSITIONS' 
_refine.pdbx_starting_model                      'PDB ENTRY 1p1y' 
_refine.pdbx_method_to_determine_struct          'MOLECULAR REPLACEMENT' 
_refine.pdbx_isotropic_thermal_model             ? 
_refine.pdbx_stereochemistry_target_values       'MAXIMUM LIKELIHOOD' 
_refine.pdbx_stereochem_target_val_spec_case     ? 
_refine.pdbx_R_Free_selection_details            RANDOM 
_refine.pdbx_overall_ESU_R                       0.213 
_refine.pdbx_overall_ESU_R_Free                  0.179 
_refine.overall_SU_ML                            0.162 
_refine.pdbx_overall_phase_error                 ? 
_refine.overall_SU_B                             16.520 
_refine.overall_SU_R_Cruickshank_DPI             ? 
_refine.ls_redundancy_reflns_obs                 ? 
_refine.B_iso_min                                ? 
_refine.B_iso_max                                ? 
_refine.overall_SU_R_free                        ? 
_refine.ls_wR_factor_R_free                      ? 
_refine.ls_wR_factor_R_work                      ? 
_refine.overall_FOM_free_R_set                   ? 
_refine.overall_FOM_work_R_set                   ? 
_refine.pdbx_diffrn_id                           1 
_refine.pdbx_refine_id                           'X-RAY DIFFRACTION' 
_refine.pdbx_TLS_residual_ADP_flag               ? 
_refine.pdbx_overall_SU_R_free_Cruickshank_DPI   ? 
_refine.pdbx_overall_SU_R_Blow_DPI               ? 
_refine.pdbx_overall_SU_R_free_Blow_DPI          ? 
# 
_refine_hist.pdbx_refine_id                   'X-RAY DIFFRACTION' 
_refine_hist.cycle_id                         LAST 
_refine_hist.pdbx_number_atoms_protein        0 
_refine_hist.pdbx_number_atoms_nucleic_acid   254 
_refine_hist.pdbx_number_atoms_ligand         1 
_refine_hist.number_atoms_solvent             1 
_refine_hist.number_atoms_total               256 
_refine_hist.d_res_high                       2.08 
_refine_hist.d_res_low                        35.29 
# 
loop_
_refine_ls_restr.type 
_refine_ls_restr.dev_ideal 
_refine_ls_restr.dev_ideal_target 
_refine_ls_restr.weight 
_refine_ls_restr.number 
_refine_ls_restr.pdbx_restraint_function 
_refine_ls_restr.pdbx_refine_id 
r_bond_refined_d             0.006 0.011  ? 286 ? 'X-RAY DIFFRACTION' 
r_bond_other_d               0.002 0.020  ? 133 ? 'X-RAY DIFFRACTION' 
r_angle_refined_deg          0.979 1.144  ? 442 ? 'X-RAY DIFFRACTION' 
r_angle_other_deg            1.614 3.000  ? 313 ? 'X-RAY DIFFRACTION' 
r_dihedral_angle_1_deg       ?     ?      ? ?   ? 'X-RAY DIFFRACTION' 
r_dihedral_angle_2_deg       ?     ?      ? ?   ? 'X-RAY DIFFRACTION' 
r_dihedral_angle_3_deg       ?     ?      ? ?   ? 'X-RAY DIFFRACTION' 
r_dihedral_angle_4_deg       ?     ?      ? ?   ? 'X-RAY DIFFRACTION' 
r_chiral_restr               0.065 0.200  ? 36  ? 'X-RAY DIFFRACTION' 
r_gen_planes_refined         0.008 0.020  ? 155 ? 'X-RAY DIFFRACTION' 
r_gen_planes_other           0.001 0.020  ? 70  ? 'X-RAY DIFFRACTION' 
r_nbd_refined                ?     ?      ? ?   ? 'X-RAY DIFFRACTION' 
r_nbd_other                  ?     ?      ? ?   ? 'X-RAY DIFFRACTION' 
r_nbtor_refined              ?     ?      ? ?   ? 'X-RAY DIFFRACTION' 
r_nbtor_other                ?     ?      ? ?   ? 'X-RAY DIFFRACTION' 
r_xyhbond_nbd_refined        ?     ?      ? ?   ? 'X-RAY DIFFRACTION' 
r_xyhbond_nbd_other          ?     ?      ? ?   ? 'X-RAY DIFFRACTION' 
r_metal_ion_refined          ?     ?      ? ?   ? 'X-RAY DIFFRACTION' 
r_metal_ion_other            ?     ?      ? ?   ? 'X-RAY DIFFRACTION' 
r_symmetry_vdw_refined       ?     ?      ? ?   ? 'X-RAY DIFFRACTION' 
r_symmetry_vdw_other         ?     ?      ? ?   ? 'X-RAY DIFFRACTION' 
r_symmetry_hbond_refined     ?     ?      ? ?   ? 'X-RAY DIFFRACTION' 
r_symmetry_hbond_other       ?     ?      ? ?   ? 'X-RAY DIFFRACTION' 
r_symmetry_metal_ion_refined ?     ?      ? ?   ? 'X-RAY DIFFRACTION' 
r_symmetry_metal_ion_other   ?     ?      ? ?   ? 'X-RAY DIFFRACTION' 
r_mcbond_it                  ?     ?      ? ?   ? 'X-RAY DIFFRACTION' 
r_mcbond_other               ?     ?      ? ?   ? 'X-RAY DIFFRACTION' 
r_mcangle_it                 ?     ?      ? ?   ? 'X-RAY DIFFRACTION' 
r_mcangle_other              ?     ?      ? ?   ? 'X-RAY DIFFRACTION' 
r_scbond_it                  3.106 5.180  ? 286 ? 'X-RAY DIFFRACTION' 
r_scbond_other               3.111 5.150  ? 284 ? 'X-RAY DIFFRACTION' 
r_scangle_it                 ?     ?      ? ?   ? 'X-RAY DIFFRACTION' 
r_scangle_other              5.301 7.785  ? 439 ? 'X-RAY DIFFRACTION' 
r_long_range_B_refined       6.045 49.199 ? 416 ? 'X-RAY DIFFRACTION' 
r_long_range_B_other         6.039 49.171 ? 417 ? 'X-RAY DIFFRACTION' 
r_rigid_bond_restr           ?     ?      ? ?   ? 'X-RAY DIFFRACTION' 
r_sphericity_free            ?     ?      ? ?   ? 'X-RAY DIFFRACTION' 
r_sphericity_bonded          ?     ?      ? ?   ? 'X-RAY DIFFRACTION' 
# 
_refine_ls_shell.pdbx_total_number_of_bins_used   20 
_refine_ls_shell.d_res_high                       2.078 
_refine_ls_shell.d_res_low                        2.132 
_refine_ls_shell.number_reflns_R_work             143 
_refine_ls_shell.R_factor_R_work                  0.468 
_refine_ls_shell.percent_reflns_obs               69.91 
_refine_ls_shell.R_factor_R_free                  0.555 
_refine_ls_shell.R_factor_R_free_error            ? 
_refine_ls_shell.percent_reflns_R_free            ? 
_refine_ls_shell.number_reflns_R_free             15 
_refine_ls_shell.number_reflns_all                ? 
_refine_ls_shell.R_factor_all                     ? 
_refine_ls_shell.number_reflns_obs                ? 
_refine_ls_shell.redundancy_reflns_obs            ? 
_refine_ls_shell.pdbx_refine_id                   'X-RAY DIFFRACTION' 
# 
_struct.entry_id                  4ROZ 
_struct.title                     'Sequence and structure of a self-assembled 3-D DNA crystal: D(GGACGGCCGGGAG)' 
_struct.pdbx_model_details        ? 
_struct.pdbx_CASP_flag            ? 
_struct.pdbx_model_type_details   ? 
# 
_struct_keywords.entry_id        4ROZ 
_struct_keywords.pdbx_keywords   DNA 
_struct_keywords.text            'Self-assembling 3D DNA crystal, DNA' 
# 
loop_
_struct_asym.id 
_struct_asym.pdbx_blank_PDB_chainid_flag 
_struct_asym.pdbx_modified 
_struct_asym.entity_id 
_struct_asym.details 
A N N 1 ? 
B N N 2 ? 
C N N 3 ? 
# 
_struct_biol.id        1 
_struct_biol.details   ? 
# 
loop_
_struct_conn.id 
_struct_conn.conn_type_id 
_struct_conn.pdbx_leaving_atom_flag 
_struct_conn.pdbx_PDB_id 
_struct_conn.ptnr1_label_asym_id 
_struct_conn.ptnr1_label_comp_id 
_struct_conn.ptnr1_label_seq_id 
_struct_conn.ptnr1_label_atom_id 
_struct_conn.pdbx_ptnr1_label_alt_id 
_struct_conn.pdbx_ptnr1_PDB_ins_code 
_struct_conn.pdbx_ptnr1_standard_comp_id 
_struct_conn.ptnr1_symmetry 
_struct_conn.ptnr2_label_asym_id 
_struct_conn.ptnr2_label_comp_id 
_struct_conn.ptnr2_label_seq_id 
_struct_conn.ptnr2_label_atom_id 
_struct_conn.pdbx_ptnr2_label_alt_id 
_struct_conn.pdbx_ptnr2_PDB_ins_code 
_struct_conn.ptnr1_auth_asym_id 
_struct_conn.ptnr1_auth_comp_id 
_struct_conn.ptnr1_auth_seq_id 
_struct_conn.ptnr2_auth_asym_id 
_struct_conn.ptnr2_auth_comp_id 
_struct_conn.ptnr2_auth_seq_id 
_struct_conn.ptnr2_symmetry 
_struct_conn.pdbx_ptnr3_label_atom_id 
_struct_conn.pdbx_ptnr3_label_seq_id 
_struct_conn.pdbx_ptnr3_label_comp_id 
_struct_conn.pdbx_ptnr3_label_asym_id 
_struct_conn.pdbx_ptnr3_label_alt_id 
_struct_conn.pdbx_ptnr3_PDB_ins_code 
_struct_conn.details 
_struct_conn.pdbx_dist_value 
_struct_conn.pdbx_value_order 
_struct_conn.pdbx_role 
metalc1  metalc ? ? B MG . MG ? ? ? 1_555 C HOH . O  ? ? A MG 101 A HOH 201 1_555 ? ? ? ? ? ? ?            2.167 ? ? 
hydrog1  hydrog ? ? A DC 4 N3 ? ? ? 1_555 A DG  9 N1 ? ? A DC 4   A DG  9   4_545 ? ? ? ? ? ? WATSON-CRICK ?     ? ? 
hydrog2  hydrog ? ? A DC 4 N4 ? ? ? 1_555 A DG  9 O6 ? ? A DC 4   A DG  9   4_545 ? ? ? ? ? ? WATSON-CRICK ?     ? ? 
hydrog3  hydrog ? ? A DC 4 O2 ? ? ? 1_555 A DG  9 N2 ? ? A DC 4   A DG  9   4_545 ? ? ? ? ? ? WATSON-CRICK ?     ? ? 
hydrog4  hydrog ? ? A DG 5 N1 ? ? ? 1_555 A DC  8 N3 ? ? A DG 5   A DC  8   4_545 ? ? ? ? ? ? WATSON-CRICK ?     ? ? 
hydrog5  hydrog ? ? A DG 5 N2 ? ? ? 1_555 A DC  8 O2 ? ? A DG 5   A DC  8   4_545 ? ? ? ? ? ? WATSON-CRICK ?     ? ? 
hydrog6  hydrog ? ? A DG 5 O6 ? ? ? 1_555 A DC  8 N4 ? ? A DG 5   A DC  8   4_545 ? ? ? ? ? ? WATSON-CRICK ?     ? ? 
hydrog7  hydrog ? ? A DG 6 N1 ? ? ? 1_555 A DC  7 N3 ? ? A DG 6   A DC  7   4_545 ? ? ? ? ? ? WATSON-CRICK ?     ? ? 
hydrog8  hydrog ? ? A DG 6 N2 ? ? ? 1_555 A DC  7 O2 ? ? A DG 6   A DC  7   4_545 ? ? ? ? ? ? WATSON-CRICK ?     ? ? 
hydrog9  hydrog ? ? A DG 6 O6 ? ? ? 1_555 A DC  7 N4 ? ? A DG 6   A DC  7   4_545 ? ? ? ? ? ? WATSON-CRICK ?     ? ? 
hydrog10 hydrog ? ? A DC 7 N3 ? ? ? 1_555 A DG  6 N1 ? ? A DC 7   A DG  6   4_545 ? ? ? ? ? ? WATSON-CRICK ?     ? ? 
hydrog11 hydrog ? ? A DC 7 N4 ? ? ? 1_555 A DG  6 O6 ? ? A DC 7   A DG  6   4_545 ? ? ? ? ? ? WATSON-CRICK ?     ? ? 
hydrog12 hydrog ? ? A DC 7 O2 ? ? ? 1_555 A DG  6 N2 ? ? A DC 7   A DG  6   4_545 ? ? ? ? ? ? WATSON-CRICK ?     ? ? 
hydrog13 hydrog ? ? A DC 8 N3 ? ? ? 1_555 A DG  5 N1 ? ? A DC 8   A DG  5   4_545 ? ? ? ? ? ? WATSON-CRICK ?     ? ? 
hydrog14 hydrog ? ? A DC 8 N4 ? ? ? 1_555 A DG  5 O6 ? ? A DC 8   A DG  5   4_545 ? ? ? ? ? ? WATSON-CRICK ?     ? ? 
hydrog15 hydrog ? ? A DC 8 O2 ? ? ? 1_555 A DG  5 N2 ? ? A DC 8   A DG  5   4_545 ? ? ? ? ? ? WATSON-CRICK ?     ? ? 
hydrog16 hydrog ? ? A DG 9 N1 ? ? ? 1_555 A DC  4 N3 ? ? A DG 9   A DC  4   4_545 ? ? ? ? ? ? WATSON-CRICK ?     ? ? 
hydrog17 hydrog ? ? A DG 9 N2 ? ? ? 1_555 A DC  4 O2 ? ? A DG 9   A DC  4   4_545 ? ? ? ? ? ? WATSON-CRICK ?     ? ? 
hydrog18 hydrog ? ? A DG 9 O6 ? ? ? 1_555 A DC  4 N4 ? ? A DG 9   A DC  4   4_545 ? ? ? ? ? ? WATSON-CRICK ?     ? ? 
# 
loop_
_struct_conn_type.id 
_struct_conn_type.criteria 
_struct_conn_type.reference 
metalc ? ? 
hydrog ? ? 
# 
_struct_site.id                   AC1 
_struct_site.pdbx_evidence_code   Software 
_struct_site.pdbx_auth_asym_id    A 
_struct_site.pdbx_auth_comp_id    MG 
_struct_site.pdbx_auth_seq_id     101 
_struct_site.pdbx_auth_ins_code   ? 
_struct_site.pdbx_num_residues    1 
_struct_site.details              'BINDING SITE FOR RESIDUE MG A 101' 
# 
_struct_site_gen.id                   1 
_struct_site_gen.site_id              AC1 
_struct_site_gen.pdbx_num_res         1 
_struct_site_gen.label_comp_id        HOH 
_struct_site_gen.label_asym_id        C 
_struct_site_gen.label_seq_id         . 
_struct_site_gen.pdbx_auth_ins_code   ? 
_struct_site_gen.auth_comp_id         HOH 
_struct_site_gen.auth_asym_id         A 
_struct_site_gen.auth_seq_id          201 
_struct_site_gen.label_atom_id        . 
_struct_site_gen.label_alt_id         ? 
_struct_site_gen.symmetry             1_555 
_struct_site_gen.details              ? 
# 
_atom_sites.entry_id                    4ROZ 
_atom_sites.fract_transf_matrix[1][1]   0.00826743 
_atom_sites.fract_transf_matrix[1][2]   -0.00003378 
_atom_sites.fract_transf_matrix[1][3]   0.02709960 
_atom_sites.fract_transf_matrix[2][1]   0.02708079 
_atom_sites.fract_transf_matrix[2][2]   0.00513963 
_atom_sites.fract_transf_matrix[2][3]   0.00655547 
_atom_sites.fract_transf_matrix[3][1]   -0.00387243 
_atom_sites.fract_transf_matrix[3][2]   0.01886704 
_atom_sites.fract_transf_matrix[3][3]   0.00120490 
_atom_sites.fract_transf_vector[1]      0.065633 
_atom_sites.fract_transf_vector[2]      -0.418445 
_atom_sites.fract_transf_vector[3]      -0.229552 
# 
loop_
_atom_type.symbol 
C  
MG 
N  
O  
P  
# 
loop_
_atom_site.group_PDB 
_atom_site.id 
_atom_site.type_symbol 
_atom_site.label_atom_id 
_atom_site.label_alt_id 
_atom_site.label_comp_id 
_atom_site.label_asym_id 
_atom_site.label_entity_id 
_atom_site.label_seq_id 
_atom_site.pdbx_PDB_ins_code 
_atom_site.Cartn_x 
_atom_site.Cartn_y 
_atom_site.Cartn_z 
_atom_site.occupancy 
_atom_site.B_iso_or_equiv 
_atom_site.pdbx_formal_charge 
_atom_site.auth_seq_id 
_atom_site.auth_comp_id 
_atom_site.auth_asym_id 
_atom_site.auth_atom_id 
_atom_site.pdbx_PDB_model_num 
ATOM   1   O  "O5'" . DG  A 1 1  ? -8.597  18.751  -10.427 1.00 80.50  ? 1   DG  A "O5'" 1 
ATOM   2   C  "C5'" . DG  A 1 1  ? -9.255  18.108  -11.540 1.00 79.39  ? 1   DG  A "C5'" 1 
ATOM   3   C  "C4'" . DG  A 1 1  ? -9.188  16.603  -11.413 1.00 76.67  ? 1   DG  A "C4'" 1 
ATOM   4   O  "O4'" . DG  A 1 1  ? -7.810  16.152  -11.390 1.00 74.43  ? 1   DG  A "O4'" 1 
ATOM   5   C  "C3'" . DG  A 1 1  ? -9.825  16.030  -10.147 1.00 75.69  ? 1   DG  A "C3'" 1 
ATOM   6   O  "O3'" . DG  A 1 1  ? -10.420 14.772  -10.481 1.00 78.96  ? 1   DG  A "O3'" 1 
ATOM   7   C  "C2'" . DG  A 1 1  ? -8.632  15.824  -9.235  1.00 71.93  ? 1   DG  A "C2'" 1 
ATOM   8   C  "C1'" . DG  A 1 1  ? -7.603  15.350  -10.239 1.00 69.07  ? 1   DG  A "C1'" 1 
ATOM   9   N  N9    . DG  A 1 1  ? -6.218  15.514  -9.822  1.00 64.86  ? 1   DG  A N9    1 
ATOM   10  C  C8    . DG  A 1 1  ? -5.289  14.522  -9.626  1.00 63.34  ? 1   DG  A C8    1 
ATOM   11  N  N7    . DG  A 1 1  ? -4.124  14.980  -9.256  1.00 63.27  ? 1   DG  A N7    1 
ATOM   12  C  C5    . DG  A 1 1  ? -4.297  16.357  -9.202  1.00 61.99  ? 1   DG  A C5    1 
ATOM   13  C  C6    . DG  A 1 1  ? -3.380  17.389  -8.865  1.00 64.44  ? 1   DG  A C6    1 
ATOM   14  O  O6    . DG  A 1 1  ? -2.193  17.288  -8.525  1.00 67.45  ? 1   DG  A O6    1 
ATOM   15  N  N1    . DG  A 1 1  ? -3.969  18.645  -8.954  1.00 63.94  ? 1   DG  A N1    1 
ATOM   16  C  C2    . DG  A 1 1  ? -5.274  18.880  -9.303  1.00 66.32  ? 1   DG  A C2    1 
ATOM   17  N  N2    . DG  A 1 1  ? -5.656  20.164  -9.328  1.00 72.95  ? 1   DG  A N2    1 
ATOM   18  N  N3    . DG  A 1 1  ? -6.141  17.928  -9.608  1.00 65.04  ? 1   DG  A N3    1 
ATOM   19  C  C4    . DG  A 1 1  ? -5.587  16.700  -9.542  1.00 63.47  ? 1   DG  A C4    1 
ATOM   20  P  P     . DG  A 1 2  ? -11.293 13.960  -9.401  1.00 82.10  ? 2   DG  A P     1 
ATOM   21  O  OP1   . DG  A 1 2  ? -12.030 12.888  -10.133 1.00 85.63  ? 2   DG  A OP1   1 
ATOM   22  O  OP2   . DG  A 1 2  ? -12.033 14.942  -8.557  1.00 87.74  ? 2   DG  A OP2   1 
ATOM   23  O  "O5'" . DG  A 1 2  ? -10.203 13.273  -8.458  1.00 77.20  ? 2   DG  A "O5'" 1 
ATOM   24  C  "C5'" . DG  A 1 2  ? -9.288  12.286  -8.973  1.00 72.04  ? 2   DG  A "C5'" 1 
ATOM   25  C  "C4'" . DG  A 1 2  ? -8.316  11.857  -7.898  1.00 67.44  ? 2   DG  A "C4'" 1 
ATOM   26  O  "O4'" . DG  A 1 2  ? -7.294  12.861  -7.695  1.00 63.19  ? 2   DG  A "O4'" 1 
ATOM   27  C  "C3'" . DG  A 1 2  ? -8.952  11.629  -6.526  1.00 66.07  ? 2   DG  A "C3'" 1 
ATOM   28  O  "O3'" . DG  A 1 2  ? -8.349  10.471  -5.936  1.00 67.17  ? 2   DG  A "O3'" 1 
ATOM   29  C  "C2'" . DG  A 1 2  ? -8.603  12.894  -5.770  1.00 62.09  ? 2   DG  A "C2'" 1 
ATOM   30  C  "C1'" . DG  A 1 2  ? -7.219  13.149  -6.310  1.00 60.46  ? 2   DG  A "C1'" 1 
ATOM   31  N  N9    . DG  A 1 2  ? -6.733  14.512  -6.161  1.00 58.98  ? 2   DG  A N9    1 
ATOM   32  C  C8    . DG  A 1 2  ? -7.458  15.679  -6.163  1.00 59.26  ? 2   DG  A C8    1 
ATOM   33  N  N7    . DG  A 1 2  ? -6.716  16.742  -6.009  1.00 61.48  ? 2   DG  A N7    1 
ATOM   34  C  C5    . DG  A 1 2  ? -5.423  16.244  -5.912  1.00 60.39  ? 2   DG  A C5    1 
ATOM   35  C  C6    . DG  A 1 2  ? -4.187  16.920  -5.740  1.00 63.93  ? 2   DG  A C6    1 
ATOM   36  O  O6    . DG  A 1 2  ? -3.984  18.137  -5.617  1.00 68.95  ? 2   DG  A O6    1 
ATOM   37  N  N1    . DG  A 1 2  ? -3.118  16.028  -5.690  1.00 60.11  ? 2   DG  A N1    1 
ATOM   38  C  C2    . DG  A 1 2  ? -3.226  14.661  -5.792  1.00 56.81  ? 2   DG  A C2    1 
ATOM   39  N  N2    . DG  A 1 2  ? -2.081  13.969  -5.723  1.00 55.26  ? 2   DG  A N2    1 
ATOM   40  N  N3    . DG  A 1 2  ? -4.371  14.022  -5.957  1.00 55.25  ? 2   DG  A N3    1 
ATOM   41  C  C4    . DG  A 1 2  ? -5.421  14.869  -5.994  1.00 56.64  ? 2   DG  A C4    1 
ATOM   42  P  P     . DA  A 1 3  ? -9.259  9.204   -5.546  1.00 69.83  ? 3   DA  A P     1 
ATOM   43  O  OP1   . DA  A 1 3  ? -10.340 9.068   -6.570  1.00 74.01  ? 3   DA  A OP1   1 
ATOM   44  O  OP2   . DA  A 1 3  ? -9.598  9.308   -4.098  1.00 69.12  ? 3   DA  A OP2   1 
ATOM   45  O  "O5'" . DA  A 1 3  ? -8.266  7.972   -5.709  1.00 69.78  ? 3   DA  A "O5'" 1 
ATOM   46  C  "C5'" . DA  A 1 3  ? -7.386  7.803   -6.836  1.00 69.26  ? 3   DA  A "C5'" 1 
ATOM   47  C  "C4'" . DA  A 1 3  ? -6.407  6.699   -6.513  1.00 67.95  ? 3   DA  A "C4'" 1 
ATOM   48  O  "O4'" . DA  A 1 3  ? -5.251  7.268   -5.858  1.00 66.13  ? 3   DA  A "O4'" 1 
ATOM   49  C  "C3'" . DA  A 1 3  ? -6.929  5.645   -5.538  1.00 69.15  ? 3   DA  A "C3'" 1 
ATOM   50  O  "O3'" . DA  A 1 3  ? -6.275  4.378   -5.768  1.00 73.73  ? 3   DA  A "O3'" 1 
ATOM   51  C  "C2'" . DA  A 1 3  ? -6.581  6.258   -4.188  1.00 66.37  ? 3   DA  A "C2'" 1 
ATOM   52  C  "C1'" . DA  A 1 3  ? -5.231  6.910   -4.474  1.00 65.06  ? 3   DA  A "C1'" 1 
ATOM   53  N  N9    . DA  A 1 3  ? -4.863  8.110   -3.716  1.00 59.37  ? 3   DA  A N9    1 
ATOM   54  C  C8    . DA  A 1 3  ? -5.475  9.340   -3.748  1.00 62.12  ? 3   DA  A C8    1 
ATOM   55  N  N7    . DA  A 1 3  ? -4.869  10.252  -3.028  1.00 60.79  ? 3   DA  A N7    1 
ATOM   56  C  C5    . DA  A 1 3  ? -3.761  9.592   -2.515  1.00 58.36  ? 3   DA  A C5    1 
ATOM   57  C  C6    . DA  A 1 3  ? -2.703  10.016  -1.691  1.00 57.97  ? 3   DA  A C6    1 
ATOM   58  N  N6    . DA  A 1 3  ? -2.601  11.253  -1.202  1.00 59.77  ? 3   DA  A N6    1 
ATOM   59  N  N1    . DA  A 1 3  ? -1.762  9.107   -1.354  1.00 58.34  ? 3   DA  A N1    1 
ATOM   60  C  C2    . DA  A 1 3  ? -1.867  7.863   -1.846  1.00 59.58  ? 3   DA  A C2    1 
ATOM   61  N  N3    . DA  A 1 3  ? -2.803  7.350   -2.650  1.00 60.99  ? 3   DA  A N3    1 
ATOM   62  C  C4    . DA  A 1 3  ? -3.733  8.277   -2.949  1.00 59.39  ? 3   DA  A C4    1 
ATOM   63  P  P     . DC  A 1 4  ? -6.882  3.252   -6.812  1.00 76.85  ? 4   DC  A P     1 
ATOM   64  O  OP1   . DC  A 1 4  ? -5.792  2.286   -7.113  1.00 80.44  ? 4   DC  A OP1   1 
ATOM   65  O  OP2   . DC  A 1 4  ? -7.557  3.944   -7.952  1.00 76.68  ? 4   DC  A OP2   1 
ATOM   66  O  "O5'" . DC  A 1 4  ? -7.929  2.457   -5.900  1.00 78.18  ? 4   DC  A "O5'" 1 
ATOM   67  C  "C5'" . DC  A 1 4  ? -9.261  2.960   -5.672  1.00 76.80  ? 4   DC  A "C5'" 1 
ATOM   68  C  "C4'" . DC  A 1 4  ? -10.225 1.834   -5.371  1.00 77.37  ? 4   DC  A "C4'" 1 
ATOM   69  O  "O4'" . DC  A 1 4  ? -10.217 0.851   -6.434  1.00 76.00  ? 4   DC  A "O4'" 1 
ATOM   70  C  "C3'" . DC  A 1 4  ? -9.949  1.072   -4.078  1.00 76.09  ? 4   DC  A "C3'" 1 
ATOM   71  O  "O3'" . DC  A 1 4  ? -11.165 0.844   -3.363  1.00 83.90  ? 4   DC  A "O3'" 1 
ATOM   72  C  "C2'" . DC  A 1 4  ? -9.354  -0.243  -4.545  1.00 74.62  ? 4   DC  A "C2'" 1 
ATOM   73  C  "C1'" . DC  A 1 4  ? -9.909  -0.441  -5.932  1.00 72.97  ? 4   DC  A "C1'" 1 
ATOM   74  N  N1    . DC  A 1 4  ? -8.926  -1.045  -6.834  1.00 68.53  ? 4   DC  A N1    1 
ATOM   75  C  C2    . DC  A 1 4  ? -8.744  -2.426  -6.798  1.00 69.24  ? 4   DC  A C2    1 
ATOM   76  O  O2    . DC  A 1 4  ? -9.428  -3.099  -6.013  1.00 69.46  ? 4   DC  A O2    1 
ATOM   77  N  N3    . DC  A 1 4  ? -7.835  -2.995  -7.624  1.00 70.47  ? 4   DC  A N3    1 
ATOM   78  C  C4    . DC  A 1 4  ? -7.134  -2.235  -8.468  1.00 69.25  ? 4   DC  A C4    1 
ATOM   79  N  N4    . DC  A 1 4  ? -6.256  -2.837  -9.275  1.00 72.37  ? 4   DC  A N4    1 
ATOM   80  C  C5    . DC  A 1 4  ? -7.300  -0.823  -8.524  1.00 67.47  ? 4   DC  A C5    1 
ATOM   81  C  C6    . DC  A 1 4  ? -8.189  -0.273  -7.688  1.00 66.88  ? 4   DC  A C6    1 
ATOM   82  P  P     . DG  A 1 5  ? -11.434 1.570   -1.959  1.00 86.91  ? 5   DG  A P     1 
ATOM   83  O  OP1   . DG  A 1 5  ? -12.869 1.971   -1.929  1.00 93.72  ? 5   DG  A OP1   1 
ATOM   84  O  OP2   . DG  A 1 5  ? -10.371 2.591   -1.735  1.00 89.24  ? 5   DG  A OP2   1 
ATOM   85  O  "O5'" . DG  A 1 5  ? -11.202 0.397   -0.910  1.00 85.43  ? 5   DG  A "O5'" 1 
ATOM   86  C  "C5'" . DG  A 1 5  ? -11.809 -0.887  -1.104  1.00 89.14  ? 5   DG  A "C5'" 1 
ATOM   87  C  "C4'" . DG  A 1 5  ? -10.935 -1.963  -0.502  1.00 90.60  ? 5   DG  A "C4'" 1 
ATOM   88  O  "O4'" . DG  A 1 5  ? -9.953  -2.421  -1.460  1.00 88.38  ? 5   DG  A "O4'" 1 
ATOM   89  C  "C3'" . DG  A 1 5  ? -10.132 -1.542  0.726   1.00 89.93  ? 5   DG  A "C3'" 1 
ATOM   90  O  "O3'" . DG  A 1 5  ? -10.061 -2.726  1.510   1.00 99.67  ? 5   DG  A "O3'" 1 
ATOM   91  C  "C2'" . DG  A 1 5  ? -8.767  -1.215  0.149   1.00 82.62  ? 5   DG  A "C2'" 1 
ATOM   92  C  "C1'" . DG  A 1 5  ? -8.648  -2.298  -0.908  1.00 80.13  ? 5   DG  A "C1'" 1 
ATOM   93  N  N9    . DG  A 1 5  ? -7.727  -2.053  -2.011  1.00 71.67  ? 5   DG  A N9    1 
ATOM   94  C  C8    . DG  A 1 5  ? -7.272  -0.843  -2.478  1.00 70.63  ? 5   DG  A C8    1 
ATOM   95  N  N7    . DG  A 1 5  ? -6.490  -0.957  -3.517  1.00 69.83  ? 5   DG  A N7    1 
ATOM   96  C  C5    . DG  A 1 5  ? -6.436  -2.322  -3.759  1.00 68.52  ? 5   DG  A C5    1 
ATOM   97  C  C6    . DG  A 1 5  ? -5.737  -3.054  -4.755  1.00 67.31  ? 5   DG  A C6    1 
ATOM   98  O  O6    . DG  A 1 5  ? -5.012  -2.626  -5.662  1.00 66.72  ? 5   DG  A O6    1 
ATOM   99  N  N1    . DG  A 1 5  ? -5.944  -4.422  -4.623  1.00 70.93  ? 5   DG  A N1    1 
ATOM   100 C  C2    . DG  A 1 5  ? -6.732  -5.014  -3.664  1.00 73.36  ? 5   DG  A C2    1 
ATOM   101 N  N2    . DG  A 1 5  ? -6.819  -6.351  -3.710  1.00 79.18  ? 5   DG  A N2    1 
ATOM   102 N  N3    . DG  A 1 5  ? -7.391  -4.343  -2.733  1.00 72.24  ? 5   DG  A N3    1 
ATOM   103 C  C4    . DG  A 1 5  ? -7.194  -3.013  -2.837  1.00 70.77  ? 5   DG  A C4    1 
ATOM   104 P  P     . DG  A 1 6  ? -9.991  -2.657  3.084   1.00 104.14 ? 6   DG  A P     1 
ATOM   105 O  OP1   . DG  A 1 6  ? -11.368 -2.396  3.595   1.00 110.84 ? 6   DG  A OP1   1 
ATOM   106 O  OP2   . DG  A 1 6  ? -8.859  -1.754  3.448   1.00 97.57  ? 6   DG  A OP2   1 
ATOM   107 O  "O5'" . DG  A 1 6  ? -9.639  -4.165  3.461   1.00 103.24 ? 6   DG  A "O5'" 1 
ATOM   108 C  "C5'" . DG  A 1 6  ? -10.007 -5.272  2.605   1.00 101.29 ? 6   DG  A "C5'" 1 
ATOM   109 C  "C4'" . DG  A 1 6  ? -8.837  -6.216  2.445   1.00 97.90  ? 6   DG  A "C4'" 1 
ATOM   110 O  "O4'" . DG  A 1 6  ? -8.012  -5.802  1.330   1.00 89.83  ? 6   DG  A "O4'" 1 
ATOM   111 C  "C3'" . DG  A 1 6  ? -7.912  -6.297  3.664   1.00 96.98  ? 6   DG  A "C3'" 1 
ATOM   112 O  "O3'" . DG  A 1 6  ? -7.737  -7.667  4.038   1.00 107.47 ? 6   DG  A "O3'" 1 
ATOM   113 C  "C2'" . DG  A 1 6  ? -6.645  -5.585  3.219   1.00 89.42  ? 6   DG  A "C2'" 1 
ATOM   114 C  "C1'" . DG  A 1 6  ? -6.647  -5.768  1.716   1.00 85.03  ? 6   DG  A "C1'" 1 
ATOM   115 N  N9    . DG  A 1 6  ? -6.012  -4.677  0.991   1.00 74.85  ? 6   DG  A N9    1 
ATOM   116 C  C8    . DG  A 1 6  ? -6.177  -3.333  1.217   1.00 71.25  ? 6   DG  A C8    1 
ATOM   117 N  N7    . DG  A 1 6  ? -5.496  -2.589  0.388   1.00 70.41  ? 6   DG  A N7    1 
ATOM   118 C  C5    . DG  A 1 6  ? -4.852  -3.496  -0.441  1.00 68.78  ? 6   DG  A C5    1 
ATOM   119 C  C6    . DG  A 1 6  ? -3.970  -3.281  -1.537  1.00 66.44  ? 6   DG  A C6    1 
ATOM   120 O  O6    . DG  A 1 6  ? -3.558  -2.207  -2.001  1.00 62.70  ? 6   DG  A O6    1 
ATOM   121 N  N1    . DG  A 1 6  ? -3.557  -4.482  -2.105  1.00 65.27  ? 6   DG  A N1    1 
ATOM   122 C  C2    . DG  A 1 6  ? -3.928  -5.729  -1.666  1.00 69.67  ? 6   DG  A C2    1 
ATOM   123 N  N2    . DG  A 1 6  ? -3.411  -6.769  -2.338  1.00 73.11  ? 6   DG  A N2    1 
ATOM   124 N  N3    . DG  A 1 6  ? -4.738  -5.942  -0.641  1.00 71.22  ? 6   DG  A N3    1 
ATOM   125 C  C4    . DG  A 1 6  ? -5.161  -4.790  -0.081  1.00 70.50  ? 6   DG  A C4    1 
ATOM   126 P  P     . DC  A 1 7  ? -6.658  -8.074  5.147   1.00 110.49 ? 7   DC  A P     1 
ATOM   127 O  OP1   . DC  A 1 7  ? -7.136  -9.314  5.818   1.00 117.51 ? 7   DC  A OP1   1 
ATOM   128 O  OP2   . DC  A 1 7  ? -6.319  -6.865  5.952   1.00 108.58 ? 7   DC  A OP2   1 
ATOM   129 O  "O5'" . DC  A 1 7  ? -5.393  -8.449  4.263   1.00 106.00 ? 7   DC  A "O5'" 1 
ATOM   130 C  "C5'" . DC  A 1 7  ? -5.493  -9.454  3.247   1.00 106.34 ? 7   DC  A "C5'" 1 
ATOM   131 C  "C4'" . DC  A 1 7  ? -4.106  -9.744  2.733   1.00 104.05 ? 7   DC  A "C4'" 1 
ATOM   132 O  "O4'" . DC  A 1 7  ? -3.654  -8.615  1.950   1.00 95.35  ? 7   DC  A "O4'" 1 
ATOM   133 C  "C3'" . DC  A 1 7  ? -3.069  -9.939  3.843   1.00 104.08 ? 7   DC  A "C3'" 1 
ATOM   134 O  "O3'" . DC  A 1 7  ? -2.316  -11.114 3.533   1.00 113.45 ? 7   DC  A "O3'" 1 
ATOM   135 C  "C2'" . DC  A 1 7  ? -2.303  -8.623  3.857   1.00 94.66  ? 7   DC  A "C2'" 1 
ATOM   136 C  "C1'" . DC  A 1 7  ? -2.384  -8.188  2.407   1.00 88.86  ? 7   DC  A "C1'" 1 
ATOM   137 N  N1    . DC  A 1 7  ? -2.281  -6.746  2.147   1.00 77.63  ? 7   DC  A N1    1 
ATOM   138 C  C2    . DC  A 1 7  ? -1.525  -6.318  1.051   1.00 72.47  ? 7   DC  A C2    1 
ATOM   139 O  O2    . DC  A 1 7  ? -0.943  -7.164  0.356   1.00 72.55  ? 7   DC  A O2    1 
ATOM   140 N  N3    . DC  A 1 7  ? -1.448  -4.997  0.775   1.00 66.41  ? 7   DC  A N3    1 
ATOM   141 C  C4    . DC  A 1 7  ? -2.102  -4.119  1.539   1.00 68.43  ? 7   DC  A C4    1 
ATOM   142 N  N4    . DC  A 1 7  ? -1.996  -2.822  1.232   1.00 64.43  ? 7   DC  A N4    1 
ATOM   143 C  C5    . DC  A 1 7  ? -2.895  -4.530  2.653   1.00 70.77  ? 7   DC  A C5    1 
ATOM   144 C  C6    . DC  A 1 7  ? -2.964  -5.841  2.913   1.00 73.54  ? 7   DC  A C6    1 
ATOM   145 P  P     . DC  A 1 8  ? -1.025  -11.509 4.387   1.00 118.09 ? 8   DC  A P     1 
ATOM   146 O  OP1   . DC  A 1 8  ? -0.995  -12.998 4.498   1.00 122.18 ? 8   DC  A OP1   1 
ATOM   147 O  OP2   . DC  A 1 8  ? -0.988  -10.662 5.617   1.00 113.00 ? 8   DC  A OP2   1 
ATOM   148 O  "O5'" . DC  A 1 8  ? 0.162   -11.053 3.431   1.00 111.16 ? 8   DC  A "O5'" 1 
ATOM   149 C  "C5'" . DC  A 1 8  ? 0.130   -11.332 2.016   1.00 107.88 ? 8   DC  A "C5'" 1 
ATOM   150 C  "C4'" . DC  A 1 8  ? 1.492   -11.060 1.424   1.00 102.09 ? 8   DC  A "C4'" 1 
ATOM   151 O  "O4'" . DC  A 1 8  ? 1.665   -9.640  1.221   1.00 95.21  ? 8   DC  A "O4'" 1 
ATOM   152 C  "C3'" . DC  A 1 8  ? 2.645   -11.489 2.323   1.00 101.08 ? 8   DC  A "C3'" 1 
ATOM   153 O  "O3'" . DC  A 1 8  ? 3.717   -11.963 1.513   1.00 105.74 ? 8   DC  A "O3'" 1 
ATOM   154 C  "C2'" . DC  A 1 8  ? 2.979   -10.226 3.100   1.00 93.16  ? 8   DC  A "C2'" 1 
ATOM   155 C  "C1'" . DC  A 1 8  ? 2.620   -9.105  2.135   1.00 87.15  ? 8   DC  A "C1'" 1 
ATOM   156 N  N1    . DC  A 1 8  ? 2.037   -7.883  2.730   1.00 75.83  ? 8   DC  A N1    1 
ATOM   157 C  C2    . DC  A 1 8  ? 2.260   -6.663  2.089   1.00 70.53  ? 8   DC  A C2    1 
ATOM   158 O  O2    . DC  A 1 8  ? 2.969   -6.640  1.071   1.00 70.01  ? 8   DC  A O2    1 
ATOM   159 N  N3    . DC  A 1 8  ? 1.714   -5.535  2.602   1.00 66.72  ? 8   DC  A N3    1 
ATOM   160 C  C4    . DC  A 1 8  ? 0.949   -5.604  3.694   1.00 67.02  ? 8   DC  A C4    1 
ATOM   161 N  N4    . DC  A 1 8  ? 0.432   -4.469  4.167   1.00 66.29  ? 8   DC  A N4    1 
ATOM   162 C  C5    . DC  A 1 8  ? 0.703   -6.836  4.366   1.00 71.30  ? 8   DC  A C5    1 
ATOM   163 C  C6    . DC  A 1 8  ? 1.257   -7.941  3.851   1.00 74.53  ? 8   DC  A C6    1 
ATOM   164 P  P     . DG  A 1 9  ? 4.995   -12.632 2.194   1.00 107.46 ? 9   DG  A P     1 
ATOM   165 O  OP1   . DG  A 1 9  ? 5.198   -13.969 1.570   1.00 116.12 ? 9   DG  A OP1   1 
ATOM   166 O  OP2   . DG  A 1 9  ? 4.860   -12.520 3.675   1.00 103.54 ? 9   DG  A OP2   1 
ATOM   167 O  "O5'" . DG  A 1 9  ? 6.174   -11.681 1.707   1.00 102.27 ? 9   DG  A "O5'" 1 
ATOM   168 C  "C5'" . DG  A 1 9  ? 6.015   -10.815 0.564   1.00 97.91  ? 9   DG  A "C5'" 1 
ATOM   169 C  "C4'" . DG  A 1 9  ? 7.028   -9.697  0.629   1.00 92.84  ? 9   DG  A "C4'" 1 
ATOM   170 O  "O4'" . DG  A 1 9  ? 6.410   -8.528  1.211   1.00 87.24  ? 9   DG  A "O4'" 1 
ATOM   171 C  "C3'" . DG  A 1 9  ? 8.238   -9.996  1.512   1.00 93.11  ? 9   DG  A "C3'" 1 
ATOM   172 O  "O3'" . DG  A 1 9  ? 9.380   -9.338  0.964   1.00 96.75  ? 9   DG  A "O3'" 1 
ATOM   173 C  "C2'" . DG  A 1 9  ? 7.826   -9.418  2.854   1.00 87.19  ? 9   DG  A "C2'" 1 
ATOM   174 C  "C1'" . DG  A 1 9  ? 7.101   -8.168  2.400   1.00 80.58  ? 9   DG  A "C1'" 1 
ATOM   175 N  N9    . DG  A 1 9  ? 6.135   -7.577  3.319   1.00 71.72  ? 9   DG  A N9    1 
ATOM   176 C  C8    . DG  A 1 9  ? 5.435   -8.166  4.347   1.00 68.41  ? 9   DG  A C8    1 
ATOM   177 N  N7    . DG  A 1 9  ? 4.648   -7.330  4.973   1.00 66.61  ? 9   DG  A N7    1 
ATOM   178 C  C5    . DG  A 1 9  ? 4.837   -6.121  4.312   1.00 63.23  ? 9   DG  A C5    1 
ATOM   179 C  C6    . DG  A 1 9  ? 4.251   -4.843  4.533   1.00 62.35  ? 9   DG  A C6    1 
ATOM   180 O  O6    . DG  A 1 9  ? 3.432   -4.505  5.397   1.00 64.37  ? 9   DG  A O6    1 
ATOM   181 N  N1    . DG  A 1 9  ? 4.724   -3.900  3.627   1.00 57.70  ? 9   DG  A N1    1 
ATOM   182 C  C2    . DG  A 1 9  ? 5.640   -4.148  2.635   1.00 58.85  ? 9   DG  A C2    1 
ATOM   183 N  N2    . DG  A 1 9  ? 5.972   -3.109  1.862   1.00 59.93  ? 9   DG  A N2    1 
ATOM   184 N  N3    . DG  A 1 9  ? 6.188   -5.330  2.415   1.00 61.26  ? 9   DG  A N3    1 
ATOM   185 C  C4    . DG  A 1 9  ? 5.747   -6.262  3.286   1.00 65.06  ? 9   DG  A C4    1 
ATOM   186 P  P     . DG  A 1 10 ? 10.817  -10.025 1.058   1.00 103.83 ? 10  DG  A P     1 
ATOM   187 O  OP1   . DG  A 1 10 ? 10.966  -10.959 -0.100  1.00 104.64 ? 10  DG  A OP1   1 
ATOM   188 O  OP2   . DG  A 1 10 ? 11.002  -10.512 2.460   1.00 105.10 ? 10  DG  A OP2   1 
ATOM   189 O  "O5'" . DG  A 1 10 ? 11.804  -8.796  0.842   1.00 96.44  ? 10  DG  A "O5'" 1 
ATOM   190 C  "C5'" . DG  A 1 10 ? 11.491  -7.747  -0.092  1.00 88.09  ? 10  DG  A "C5'" 1 
ATOM   191 C  "C4'" . DG  A 1 10 ? 11.722  -6.405  0.559   1.00 80.62  ? 10  DG  A "C4'" 1 
ATOM   192 O  "O4'" . DG  A 1 10 ? 10.622  -6.089  1.443   1.00 74.65  ? 10  DG  A "O4'" 1 
ATOM   193 C  "C3'" . DG  A 1 10 ? 12.986  -6.332  1.421   1.00 78.91  ? 10  DG  A "C3'" 1 
ATOM   194 O  "O3'" . DG  A 1 10 ? 13.654  -5.098  1.142   1.00 78.29  ? 10  DG  A "O3'" 1 
ATOM   195 C  "C2'" . DG  A 1 10 ? 12.445  -6.417  2.836   1.00 74.22  ? 10  DG  A "C2'" 1 
ATOM   196 C  "C1'" . DG  A 1 10 ? 11.165  -5.643  2.670   1.00 69.73  ? 10  DG  A "C1'" 1 
ATOM   197 N  N9    . DG  A 1 10 ? 10.155  -5.824  3.701   1.00 64.53  ? 10  DG  A N9    1 
ATOM   198 C  C8    . DG  A 1 10 ? 9.809   -6.969  4.380   1.00 64.03  ? 10  DG  A C8    1 
ATOM   199 N  N7    . DG  A 1 10 ? 8.838   -6.782  5.233   1.00 63.19  ? 10  DG  A N7    1 
ATOM   200 C  C5    . DG  A 1 10 ? 8.531   -5.433  5.111   1.00 59.88  ? 10  DG  A C5    1 
ATOM   201 C  C6    . DG  A 1 10 ? 7.566   -4.637  5.793   1.00 58.57  ? 10  DG  A C6    1 
ATOM   202 O  O6    . DG  A 1 10 ? 6.760   -4.979  6.672   1.00 59.92  ? 10  DG  A O6    1 
ATOM   203 N  N1    . DG  A 1 10 ? 7.601   -3.315  5.365   1.00 56.49  ? 10  DG  A N1    1 
ATOM   204 C  C2    . DG  A 1 10 ? 8.446   -2.819  4.401   1.00 58.18  ? 10  DG  A C2    1 
ATOM   205 N  N2    . DG  A 1 10 ? 8.329   -1.515  4.118   1.00 58.41  ? 10  DG  A N2    1 
ATOM   206 N  N3    . DG  A 1 10 ? 9.351   -3.544  3.769   1.00 61.98  ? 10  DG  A N3    1 
ATOM   207 C  C4    . DG  A 1 10 ? 9.338   -4.830  4.171   1.00 60.97  ? 10  DG  A C4    1 
ATOM   208 P  P     . DG  A 1 11 ? 15.041  -4.734  1.866   1.00 81.13  ? 11  DG  A P     1 
ATOM   209 O  OP1   . DG  A 1 11 ? 15.787  -3.804  0.981   1.00 87.85  ? 11  DG  A OP1   1 
ATOM   210 O  OP2   . DG  A 1 11 ? 15.693  -6.000  2.323   1.00 86.45  ? 11  DG  A OP2   1 
ATOM   211 O  "O5'" . DG  A 1 11 ? 14.557  -3.877  3.119   1.00 77.34  ? 11  DG  A "O5'" 1 
ATOM   212 C  "C5'" . DG  A 1 11 ? 13.795  -2.666  2.953   1.00 72.84  ? 11  DG  A "C5'" 1 
ATOM   213 C  "C4'" . DG  A 1 11 ? 13.560  -2.046  4.309   1.00 70.22  ? 11  DG  A "C4'" 1 
ATOM   214 O  "O4'" . DG  A 1 11 ? 12.806  -2.976  5.120   1.00 65.36  ? 11  DG  A "O4'" 1 
ATOM   215 C  "C3'" . DG  A 1 11 ? 14.845  -1.774  5.090   1.00 71.90  ? 11  DG  A "C3'" 1 
ATOM   216 O  "O3'" . DG  A 1 11 ? 14.680  -0.699  6.019   1.00 73.69  ? 11  DG  A "O3'" 1 
ATOM   217 C  "C2'" . DG  A 1 11 ? 15.044  -3.064  5.859   1.00 70.39  ? 11  DG  A "C2'" 1 
ATOM   218 C  "C1'" . DG  A 1 11 ? 13.614  -3.449  6.189   1.00 65.15  ? 11  DG  A "C1'" 1 
ATOM   219 N  N9    . DG  A 1 11 ? 13.366  -4.876  6.330   1.00 62.71  ? 11  DG  A N9    1 
ATOM   220 C  C8    . DG  A 1 11 ? 14.141  -5.927  5.902   1.00 63.20  ? 11  DG  A C8    1 
ATOM   221 N  N7    . DG  A 1 11 ? 13.614  -7.090  6.166   1.00 63.60  ? 11  DG  A N7    1 
ATOM   222 C  C5    . DG  A 1 11 ? 12.422  -6.788  6.809   1.00 63.20  ? 11  DG  A C5    1 
ATOM   223 C  C6    . DG  A 1 11 ? 11.424  -7.641  7.347   1.00 64.95  ? 11  DG  A C6    1 
ATOM   224 O  O6    . DG  A 1 11 ? 11.397  -8.880  7.366   1.00 66.64  ? 11  DG  A O6    1 
ATOM   225 N  N1    . DG  A 1 11 ? 10.383  -6.912  7.923   1.00 61.71  ? 11  DG  A N1    1 
ATOM   226 C  C2    . DG  A 1 11 ? 10.314  -5.541  7.974   1.00 60.83  ? 11  DG  A C2    1 
ATOM   227 N  N2    . DG  A 1 11 ? 9.228   -5.017  8.569   1.00 59.87  ? 11  DG  A N2    1 
ATOM   228 N  N3    . DG  A 1 11 ? 11.238  -4.737  7.477   1.00 60.85  ? 11  DG  A N3    1 
ATOM   229 C  C4    . DG  A 1 11 ? 12.254  -5.425  6.912   1.00 61.93  ? 11  DG  A C4    1 
ATOM   230 P  P     . DA  A 1 12 ? 15.872  0.331   6.305   1.00 76.15  ? 12  DA  A P     1 
ATOM   231 O  OP1   . DA  A 1 12 ? 16.588  0.577   5.020   1.00 81.95  ? 12  DA  A OP1   1 
ATOM   232 O  OP2   . DA  A 1 12 ? 16.635  -0.133  7.500   1.00 75.61  ? 12  DA  A OP2   1 
ATOM   233 O  "O5'" . DA  A 1 12 ? 15.073  1.650   6.710   1.00 75.35  ? 12  DA  A "O5'" 1 
ATOM   234 C  "C5'" . DA  A 1 12 ? 14.003  2.150   5.881   1.00 72.33  ? 12  DA  A "C5'" 1 
ATOM   235 C  "C4'" . DA  A 1 12 ? 12.936  2.791   6.735   1.00 70.82  ? 12  DA  A "C4'" 1 
ATOM   236 O  "O4'" . DA  A 1 12 ? 12.149  1.763   7.380   1.00 66.47  ? 12  DA  A "O4'" 1 
ATOM   237 C  "C3'" . DA  A 1 12 ? 13.479  3.674   7.860   1.00 76.57  ? 12  DA  A "C3'" 1 
ATOM   238 O  "O3'" . DA  A 1 12 ? 12.686  4.865   8.027   1.00 91.85  ? 12  DA  A "O3'" 1 
ATOM   239 C  "C2'" . DA  A 1 12 ? 13.372  2.780   9.082   1.00 72.05  ? 12  DA  A "C2'" 1 
ATOM   240 C  "C1'" . DA  A 1 12 ? 12.103  2.021   8.773   1.00 65.34  ? 12  DA  A "C1'" 1 
ATOM   241 N  N9    . DA  A 1 12 ? 11.962  0.744   9.458   1.00 61.47  ? 12  DA  A N9    1 
ATOM   242 C  C8    . DA  A 1 12 ? 12.478  -0.475  9.091   1.00 60.46  ? 12  DA  A C8    1 
ATOM   243 N  N7    . DA  A 1 12 ? 12.161  -1.451  9.909   1.00 61.50  ? 12  DA  A N7    1 
ATOM   244 C  C5    . DA  A 1 12 ? 11.362  -0.837  10.865  1.00 60.98  ? 12  DA  A C5    1 
ATOM   245 C  C6    . DA  A 1 12 ? 10.687  -1.333  11.996  1.00 61.09  ? 12  DA  A C6    1 
ATOM   246 N  N6    . DA  A 1 12 ? 10.719  -2.611  12.378  1.00 61.00  ? 12  DA  A N6    1 
ATOM   247 N  N1    . DA  A 1 12 ? 9.985   -0.453  12.743  1.00 62.72  ? 12  DA  A N1    1 
ATOM   248 C  C2    . DA  A 1 12 ? 9.947   0.829   12.358  1.00 60.96  ? 12  DA  A C2    1 
ATOM   249 N  N3    . DA  A 1 12 ? 10.519  1.410   11.304  1.00 59.67  ? 12  DA  A N3    1 
ATOM   250 C  C4    . DA  A 1 12 ? 11.229  0.513   10.597  1.00 60.54  ? 12  DA  A C4    1 
ATOM   251 P  P     . DG  A 1 13 ? 13.016  6.237   7.197   1.00 98.55  ? 13  DG  A P     1 
ATOM   252 O  OP1   . DG  A 1 13 ? 12.045  7.277   7.646   1.00 95.95  ? 13  DG  A OP1   1 
ATOM   253 O  OP2   . DG  A 1 13 ? 13.104  5.892   5.739   1.00 95.84  ? 13  DG  A OP2   1 
ATOM   254 O  "O5'" . DG  A 1 13 ? 14.452  6.665   7.744   1.00 100.22 ? 13  DG  A "O5'" 1 
HETATM 255 MG MG    . MG  B 2 .  ? -13.769 10.732  -5.291  1.00 84.78  ? 101 MG  A MG    1 
HETATM 256 O  O     . HOH C 3 .  ? -14.151 10.255  -3.212  1.00 80.14  ? 201 HOH A O     1 
# 
loop_
_atom_site_anisotrop.id 
_atom_site_anisotrop.type_symbol 
_atom_site_anisotrop.pdbx_label_atom_id 
_atom_site_anisotrop.pdbx_label_alt_id 
_atom_site_anisotrop.pdbx_label_comp_id 
_atom_site_anisotrop.pdbx_label_asym_id 
_atom_site_anisotrop.pdbx_label_seq_id 
_atom_site_anisotrop.pdbx_PDB_ins_code 
_atom_site_anisotrop.U[1][1] 
_atom_site_anisotrop.U[2][2] 
_atom_site_anisotrop.U[3][3] 
_atom_site_anisotrop.U[1][2] 
_atom_site_anisotrop.U[1][3] 
_atom_site_anisotrop.U[2][3] 
_atom_site_anisotrop.pdbx_auth_seq_id 
_atom_site_anisotrop.pdbx_auth_comp_id 
_atom_site_anisotrop.pdbx_auth_asym_id 
_atom_site_anisotrop.pdbx_auth_atom_id 
1   O "O5'" . DG A 1  ? 1.1661 0.9362 0.9565 0.1436  -0.0453 0.0449  1  DG A "O5'" 
2   C "C5'" . DG A 1  ? 1.1523 0.9325 0.9317 0.1459  -0.0631 0.0477  1  DG A "C5'" 
3   C "C4'" . DG A 1  ? 1.1149 0.9095 0.8886 0.1421  -0.0621 0.0319  1  DG A "C4'" 
4   O "O4'" . DG A 1  ? 1.0978 0.8918 0.8385 0.1361  -0.0454 0.0277  1  DG A "O4'" 
5   C "C3'" . DG A 1  ? 1.0825 0.8928 0.9007 0.1418  -0.0536 0.0211  1  DG A "C3'" 
6   O "O3'" . DG A 1  ? 1.1165 0.9384 0.9452 0.1389  -0.0705 0.0150  1  DG A "O3'" 
7   C "C2'" . DG A 1  ? 1.0405 0.8477 0.8446 0.1355  -0.0307 0.0126  1  DG A "C2'" 
8   C "C1'" . DG A 1  ? 1.0203 0.8232 0.7808 0.1312  -0.0326 0.0132  1  DG A "C1'" 
9   N N9    . DG A 1  ? 0.9733 0.7727 0.7183 0.1249  -0.0140 0.0143  1  DG A N9    
10  C C8    . DG A 1  ? 0.9559 0.7628 0.6878 0.1208  -0.0040 0.0054  1  DG A C8    
11  N N7    . DG A 1  ? 0.9564 0.7614 0.6860 0.1146  0.0096  0.0127  1  DG A N7    
12  C C5    . DG A 1  ? 0.9414 0.7327 0.6814 0.1135  0.0060  0.0264  1  DG A C5    
13  C C6    . DG A 1  ? 0.9737 0.7526 0.7222 0.1054  0.0093  0.0408  1  DG A C6    
14  O O6    . DG A 1  ? 1.0092 0.7919 0.7617 0.0963  0.0174  0.0462  1  DG A O6    
15  N N1    . DG A 1  ? 0.9706 0.7296 0.7291 0.1079  -0.0025 0.0507  1  DG A N1    
16  C C2    . DG A 1  ? 1.0004 0.7566 0.7628 0.1187  -0.0130 0.0479  1  DG A C2    
17  N N2    . DG A 1  ? 1.0879 0.8215 0.8625 0.1220  -0.0246 0.0584  1  DG A N2    
18  N N3    . DG A 1  ? 0.9795 0.7520 0.7396 0.1251  -0.0158 0.0369  1  DG A N3    
19  C C4    . DG A 1  ? 0.9588 0.7461 0.7066 0.1214  -0.0073 0.0264  1  DG A C4    
20  P P     . DG A 2  ? 1.1294 0.9757 1.0143 0.1365  -0.0668 0.0133  2  DG A P     
21  O OP1   . DG A 2  ? 1.1674 1.0179 1.0684 0.1313  -0.0986 0.0133  2  DG A OP1   
22  O OP2   . DG A 2  ? 1.1840 1.0422 1.1078 0.1473  -0.0519 0.0220  2  DG A OP2   
23  O "O5'" . DG A 2  ? 1.0729 0.9191 0.9412 0.1295  -0.0442 0.0017  2  DG A "O5'" 
24  C "C5'" . DG A 2  ? 1.0230 0.8589 0.8553 0.1231  -0.0504 -0.0094 2  DG A "C5'" 
25  C "C4'" . DG A 2  ? 0.9657 0.8036 0.7929 0.1175  -0.0280 -0.0168 2  DG A "C4'" 
26  O "O4'" . DG A 2  ? 0.9242 0.7509 0.7259 0.1187  -0.0106 -0.0152 2  DG A "O4'" 
27  C "C3'" . DG A 2  ? 0.9283 0.7844 0.7975 0.1163  -0.0148 -0.0126 2  DG A "C3'" 
28  O "O3'" . DG A 2  ? 0.9419 0.8002 0.8100 0.1077  -0.0109 -0.0192 2  DG A "O3'" 
29  C "C2'" . DG A 2  ? 0.8843 0.7319 0.7428 0.1237  0.0056  -0.0117 2  DG A "C2'" 
30  C "C1'" . DG A 2  ? 0.8838 0.7122 0.7012 0.1185  0.0065  -0.0167 2  DG A "C1'" 
31  N N9    . DG A 2  ? 0.8755 0.6859 0.6794 0.1219  0.0126  -0.0127 2  DG A N9    
32  C C8    . DG A 2  ? 0.8785 0.6801 0.6929 0.1319  0.0097  -0.0069 2  DG A C8    
33  N N7    . DG A 2  ? 0.9195 0.6973 0.7192 0.1314  0.0104  -0.0043 2  DG A N7    
34  C C5    . DG A 2  ? 0.9116 0.6879 0.6948 0.1192  0.0152  -0.0059 2  DG A C5    
35  C C6    . DG A 2  ? 0.9658 0.7237 0.7397 0.1106  0.0145  0.0000  2  DG A C6    
36  O O6    . DG A 2  ? 1.0373 0.7699 0.8126 0.1109  0.0061  0.0068  2  DG A O6    
37  N N1    . DG A 2  ? 0.9152 0.6853 0.6834 0.1007  0.0212  -0.0008 2  DG A N1    
38  C C2    . DG A 2  ? 0.8672 0.6579 0.6334 0.1007  0.0264  -0.0097 2  DG A C2    
39  N N2    . DG A 2  ? 0.8462 0.6448 0.6086 0.0937  0.0322  -0.0099 2  DG A N2    
40  N N3    . DG A 2  ? 0.8414 0.6433 0.6145 0.1070  0.0231  -0.0160 2  DG A N3    
41  C C4    . DG A 2  ? 0.8572 0.6538 0.6411 0.1152  0.0183  -0.0123 2  DG A C4    
42  P P     . DA A 3  ? 0.9536 0.8310 0.8688 0.1001  -0.0231 -0.0119 3  DA A P     
43  O OP1   . DA A 3  ? 0.9972 0.8776 0.9375 0.1001  -0.0522 -0.0056 3  DA A OP1   
44  O OP2   . DA A 3  ? 0.9288 0.8271 0.8703 0.1021  0.0019  -0.0009 3  DA A OP2   
45  O "O5'" . DA A 3  ? 0.9656 0.8275 0.8584 0.0921  -0.0327 -0.0250 3  DA A "O5'" 
46  C "C5'" . DA A 3  ? 0.9820 0.8212 0.8281 0.0967  -0.0440 -0.0401 3  DA A "C5'" 
47  C "C4'" . DA A 3  ? 0.9724 0.8026 0.8067 0.0930  -0.0437 -0.0509 3  DA A "C4'" 
48  O "O4'" . DA A 3  ? 0.9553 0.7872 0.7701 0.0935  -0.0173 -0.0515 3  DA A "O4'" 
49  C "C3'" . DA A 3  ? 0.9694 0.8095 0.8484 0.0814  -0.0504 -0.0432 3  DA A "C3'" 
50  O "O3'" . DA A 3  ? 1.0373 0.8583 0.9059 0.0800  -0.0674 -0.0563 3  DA A "O3'" 
51  C "C2'" . DA A 3  ? 0.9277 0.7827 0.8115 0.0793  -0.0192 -0.0341 3  DA A "C2'" 
52  C "C1'" . DA A 3  ? 0.9305 0.7718 0.7696 0.0853  -0.0060 -0.0455 3  DA A "C1'" 
53  N N9    . DA A 3  ? 0.8617 0.7043 0.6899 0.0873  0.0154  -0.0409 3  DA A N9    
54  C C8    . DA A 3  ? 0.8960 0.7399 0.7244 0.0939  0.0219  -0.0351 3  DA A C8    
55  N N7    . DA A 3  ? 0.8880 0.7216 0.7003 0.0959  0.0347  -0.0356 3  DA A N7    
56  C C5    . DA A 3  ? 0.8620 0.6906 0.6648 0.0888  0.0368  -0.0402 3  DA A C5    
57  C C6    . DA A 3  ? 0.8669 0.6815 0.6541 0.0856  0.0422  -0.0420 3  DA A C6    
58  N N6    . DA A 3  ? 0.8998 0.6973 0.6740 0.0899  0.0448  -0.0418 3  DA A N6    
59  N N1    . DA A 3  ? 0.8714 0.6863 0.6590 0.0785  0.0402  -0.0446 3  DA A N1    
60  C C2    . DA A 3  ? 0.8798 0.7046 0.6792 0.0766  0.0338  -0.0472 3  DA A C2    
61  N N3    . DA A 3  ? 0.8915 0.7237 0.7021 0.0794  0.0250  -0.0481 3  DA A N3    
62  C C4    . DA A 3  ? 0.8695 0.7048 0.6823 0.0845  0.0269  -0.0434 3  DA A C4    
63  P P     . DC A 4  ? 1.0836 0.8794 0.9570 0.0807  -0.1122 -0.0669 4  DC A P     
64  O OP1   . DC A 4  ? 1.1490 0.9185 0.9889 0.0891  -0.1207 -0.0876 4  DC A OP1   
65  O OP2   . DC A 4  ? 1.0896 0.8788 0.9450 0.0891  -0.1276 -0.0692 4  DC A OP2   
66  O "O5'" . DC A 4  ? 1.0711 0.8831 1.0162 0.0621  -0.1267 -0.0451 4  DC A "O5'" 
67  C "C5'" . DC A 4  ? 1.0269 0.8673 1.0238 0.0550  -0.1278 -0.0211 4  DC A "C5'" 
68  C "C4'" . DC A 4  ? 1.0084 0.8559 1.0754 0.0378  -0.1588 -0.0010 4  DC A "C4'" 
69  O "O4'" . DC A 4  ? 1.0097 0.8135 1.0645 0.0373  -0.2093 -0.0202 4  DC A "O4'" 
70  C "C3'" . DC A 4  ? 0.9766 0.8397 1.0749 0.0259  -0.1433 0.0161  4  DC A "C3'" 
71  O "O3'" . DC A 4  ? 1.0355 0.9384 1.2139 0.0121  -0.1432 0.0547  4  DC A "O3'" 
72  C "C2'" . DC A 4  ? 0.9762 0.7964 1.0625 0.0219  -0.1810 -0.0025 4  DC A "C2'" 
73  C "C1'" . DC A 4  ? 0.9687 0.7568 1.0470 0.0262  -0.2276 -0.0186 4  DC A "C1'" 
74  N N1    . DC A 4  ? 0.9518 0.6878 0.9641 0.0417  -0.2503 -0.0560 4  DC A N1    
75  C C2    . DC A 4  ? 0.9669 0.6681 0.9956 0.0354  -0.2878 -0.0633 4  DC A C2    
76  O O2    . DC A 4  ? 0.9398 0.6565 1.0430 0.0128  -0.3023 -0.0339 4  DC A O2    
77  N N3    . DC A 4  ? 1.0206 0.6725 0.9846 0.0563  -0.3069 -0.1003 4  DC A N3    
78  C C4    . DC A 4  ? 1.0333 0.6771 0.9208 0.0815  -0.2863 -0.1246 4  DC A C4    
79  N N4    . DC A 4  ? 1.1088 0.7087 0.9323 0.1069  -0.3010 -0.1587 4  DC A N4    
80  C C5    . DC A 4  ? 1.0027 0.6836 0.8775 0.0838  -0.2493 -0.1130 4  DC A C5    
81  C C6    . DC A 4  ? 0.9604 0.6831 0.8975 0.0640  -0.2341 -0.0812 4  DC A C6    
82  P P     . DG A 5  ? 1.0511 1.0037 1.2474 0.0162  -0.0904 0.0825  5  DG A P     
83  O OP1   . DG A 5  ? 1.0998 1.0957 1.3652 0.0152  -0.0885 0.1143  5  DG A OP1   
84  O OP2   . DG A 5  ? 1.1101 1.0500 1.2306 0.0331  -0.0565 0.0576  5  DG A OP2   
85  O "O5'" . DG A 5  ? 1.0197 0.9798 1.2465 0.0012  -0.0896 0.1040  5  DG A "O5'" 
86  C "C5'" . DG A 5  ? 1.0453 1.0015 1.3400 -0.0197 -0.1318 0.1247  5  DG A "C5'" 
87  C "C4'" . DG A 5  ? 1.0748 1.0083 1.3594 -0.0294 -0.1395 0.1234  5  DG A "C4'" 
88  O "O4'" . DG A 5  ? 1.0837 0.9591 1.3153 -0.0237 -0.1713 0.0804  5  DG A "O4'" 
89  C "C3'" . DG A 5  ? 1.0758 1.0247 1.3163 -0.0205 -0.0916 0.1264  5  DG A "C3'" 
90  O "O3'" . DG A 5  ? 1.1857 1.1369 1.4644 -0.0375 -0.1027 0.1530  5  DG A "O3'" 
91  C "C2'" . DG A 5  ? 1.0246 0.9298 1.1848 -0.0070 -0.0922 0.0799  5  DG A "C2'" 
92  C "C1'" . DG A 5  ? 1.0032 0.8659 1.1753 -0.0140 -0.1442 0.0618  5  DG A "C1'" 
93  N N9    . DG A 5  ? 0.9312 0.7539 1.0381 0.0028  -0.1550 0.0183  5  DG A N9    
94  C C8    . DG A 5  ? 0.9353 0.7602 0.9881 0.0197  -0.1294 -0.0019 5  DG A C8    
95  N N7    . DG A 5  ? 0.9529 0.7433 0.9573 0.0336  -0.1443 -0.0341 5  DG A N7    
96  C C5    . DG A 5  ? 0.9409 0.6990 0.9636 0.0283  -0.1838 -0.0406 5  DG A C5    
97  C C6    . DG A 5  ? 0.9547 0.6657 0.9371 0.0442  -0.2131 -0.0739 5  DG A C6    
98  O O6    . DG A 5  ? 0.9728 0.6680 0.8945 0.0666  -0.2054 -0.1012 5  DG A O6    
99  N N1    . DG A 5  ? 0.9981 0.6796 1.0174 0.0338  -0.2546 -0.0715 5  DG A N1    
100 C C2    . DG A 5  ? 0.9982 0.6983 1.0909 0.0076  -0.2658 -0.0353 5  DG A C2    
101 N N2    . DG A 5  ? 1.0737 0.7360 1.1989 -0.0013 -0.3125 -0.0354 5  DG A N2    
102 N N3    . DG A 5  ? 0.9540 0.7059 1.0851 -0.0064 -0.2331 0.0002  5  DG A N3    
103 C C4    . DG A 5  ? 0.9412 0.7170 1.0308 0.0068  -0.1936 -0.0076 5  DG A C4    
104 P P     . DG A 6  ? 1.2307 1.2189 1.5071 -0.0365 -0.0593 0.1864  6  DG A P     
105 O OP1   . DG A 6  ? 1.2738 1.3222 1.6154 -0.0382 -0.0370 0.2337  6  DG A OP1   
106 O OP2   . DG A 6  ? 1.1827 1.1533 1.3713 -0.0172 -0.0288 0.1542  6  DG A OP2   
107 O "O5'" . DG A 6  ? 1.2143 1.1826 1.5257 -0.0576 -0.0909 0.2042  6  DG A "O5'" 
108 C "C5'" . DG A 6  ? 1.1799 1.1197 1.5492 -0.0763 -0.1476 0.2058  6  DG A "C5'" 
109 C "C4'" . DG A 6  ? 1.1656 1.0500 1.5043 -0.0786 -0.1780 0.1783  6  DG A "C4'" 
110 O "O4'" . DG A 6  ? 1.0998 0.9410 1.3725 -0.0597 -0.1894 0.1226  6  DG A "O4'" 
111 C "C3'" . DG A 6  ? 1.1647 1.0546 1.4656 -0.0756 -0.1474 0.1867  6  DG A "C3'" 
112 O "O3'" . DG A 6  ? 1.2902 1.1591 1.6340 -0.0943 -0.1810 0.2079  6  DG A "O3'" 
113 C "C2'" . DG A 6  ? 1.1073 0.9663 1.3238 -0.0538 -0.1346 0.1351  6  DG A "C2'" 
114 C "C1'" . DG A 6  ? 1.0657 0.8866 1.2786 -0.0480 -0.1724 0.0988  6  DG A "C1'" 
115 N N9    . DG A 6  ? 0.9615 0.7739 1.1085 -0.0262 -0.1527 0.0599  6  DG A N9    
116 C C8    . DG A 6  ? 0.9154 0.7583 1.0333 -0.0161 -0.1129 0.0606  6  DG A C8    
117 N N7    . DG A 6  ? 0.9277 0.7537 0.9939 0.0005  -0.1066 0.0263  6  DG A N7    
118 C C5    . DG A 6  ? 0.9238 0.7094 0.9801 0.0050  -0.1399 0.0011  6  DG A C5    
119 C C6    . DG A 6  ? 0.9200 0.6785 0.9258 0.0249  -0.1446 -0.0360 6  DG A C6    
120 O O6    . DG A 6  ? 0.8837 0.6503 0.8485 0.0386  -0.1210 -0.0504 6  DG A O6    
121 N N1    . DG A 6  ? 0.9184 0.6366 0.9249 0.0303  -0.1809 -0.0545 6  DG A N1    
122 C C2    . DG A 6  ? 0.9639 0.6649 1.0180 0.0148  -0.2139 -0.0393 6  DG A C2    
123 N N2    . DG A 6  ? 1.0271 0.6804 1.0704 0.0265  -0.2503 -0.0650 6  DG A N2    
124 N N3    . DG A 6  ? 0.9564 0.6849 1.0648 -0.0084 -0.2110 0.0002  6  DG A N3    
125 C C4    . DG A 6  ? 0.9340 0.7065 1.0380 -0.0104 -0.1708 0.0184  6  DG A C4    
126 P P     . DC A 7  ? 1.3430 1.2027 1.6522 -0.0937 -0.1665 0.2143  7  DC A P     
127 O OP1   . DC A 7  ? 1.4062 1.2716 1.7871 -0.1188 -0.1909 0.2642  7  DC A OP1   
128 O OP2   . DC A 7  ? 1.3302 1.2196 1.5759 -0.0768 -0.1123 0.2120  7  DC A OP2   
129 O "O5'" . DC A 7  ? 1.3209 1.1199 1.5865 -0.0811 -0.1968 0.1596  7  DC A "O5'" 
130 C "C5'" . DC A 7  ? 1.3299 1.0820 1.6283 -0.0858 -0.2520 0.1418  7  DC A "C5'" 
131 C "C4'" . DC A 7  ? 1.3344 1.0387 1.5803 -0.0658 -0.2651 0.0944  7  DC A "C4'" 
132 O "O4'" . DC A 7  ? 1.2438 0.9511 1.4279 -0.0423 -0.2394 0.0552  7  DC A "O4'" 
133 C "C3'" . DC A 7  ? 1.3405 1.0482 1.5657 -0.0654 -0.2461 0.1043  7  DC A "C3'" 
134 O "O3'" . DC A 7  ? 1.4728 1.1296 1.7081 -0.0613 -0.2874 0.0861  7  DC A "O3'" 
135 C "C2'" . DC A 7  ? 1.2372 0.9639 1.3955 -0.0456 -0.2020 0.0790  7  DC A "C2'" 
136 C "C1'" . DC A 7  ? 1.1770 0.8866 1.3127 -0.0285 -0.2110 0.0397  7  DC A "C1'" 
137 N N1    . DC A 7  ? 1.0411 0.7770 1.1314 -0.0153 -0.1724 0.0249  7  DC A N1    
138 C C2    . DC A 7  ? 0.9961 0.7140 1.0435 0.0071  -0.1706 -0.0147 7  DC A C2    
139 O O2    . DC A 7  ? 1.0107 0.6921 1.0536 0.0194  -0.1981 -0.0388 7  DC A O2    
140 N N3    . DC A 7  ? 0.9239 0.6640 0.9355 0.0168  -0.1389 -0.0241 7  DC A N3    
141 C C4    . DC A 7  ? 0.9377 0.7110 0.9515 0.0077  -0.1120 -0.0010 7  DC A C4    
142 N N4    . DC A 7  ? 0.8936 0.6814 0.8730 0.0182  -0.0858 -0.0120 7  DC A N4    
143 C C5    . DC A 7  ? 0.9484 0.7414 0.9992 -0.0100 -0.1098 0.0364  7  DC A C5    
144 C C6    . DC A 7  ? 0.9760 0.7521 1.0660 -0.0225 -0.1395 0.0508  7  DC A C6    
145 P P     . DC A 8  ? 1.5416 1.1876 1.7579 -0.0564 -0.2813 0.0864  8  DC A P     
146 O OP1   . DC A 8  ? 1.5907 1.1950 1.8566 -0.0677 -0.3313 0.0989  8  DC A OP1   
147 O OP2   . DC A 8  ? 1.4694 1.1612 1.6630 -0.0635 -0.2364 0.1159  8  DC A OP2   
148 O "O5'" . DC A 8  ? 1.4787 1.1045 1.6405 -0.0244 -0.2730 0.0324  8  DC A "O5'" 
149 C "C5'" . DC A 8  ? 1.4532 1.0425 1.6035 -0.0047 -0.2993 -0.0074 8  DC A "C5'" 
150 C "C4'" . DC A 8  ? 1.3987 0.9778 1.5023 0.0274  -0.2842 -0.0467 8  DC A "C4'" 
151 O "O4'" . DC A 8  ? 1.3122 0.9300 1.3755 0.0355  -0.2399 -0.0541 8  DC A "O4'" 
152 C "C3'" . DC A 8  ? 1.3837 0.9621 1.4947 0.0289  -0.2804 -0.0383 8  DC A "C3'" 
153 O "O3'" . DC A 8  ? 1.4582 1.0076 1.5519 0.0616  -0.2911 -0.0752 8  DC A "O3'" 
154 C "C2'" . DC A 8  ? 1.2758 0.9019 1.3619 0.0222  -0.2347 -0.0227 8  DC A "C2'" 
155 C "C1'" . DC A 8  ? 1.2050 0.8491 1.2571 0.0343  -0.2106 -0.0431 8  DC A "C1'" 
156 N N1    . DC A 8  ? 1.0535 0.7366 1.0910 0.0202  -0.1773 -0.0228 8  DC A N1    
157 C C2    . DC A 8  ? 0.9919 0.6940 0.9940 0.0335  -0.1494 -0.0403 8  DC A C2    
158 O O2    . DC A 8  ? 0.9948 0.6866 0.9785 0.0561  -0.1492 -0.0683 8  DC A O2    
159 N N3    . DC A 8  ? 0.9390 0.6697 0.9264 0.0237  -0.1227 -0.0251 8  DC A N3    
160 C C4    . DC A 8  ? 0.9334 0.6774 0.9357 0.0054  -0.1189 0.0058  8  DC A C4    
161 N N4    . DC A 8  ? 0.9227 0.6919 0.9040 0.0027  -0.0912 0.0168  8  DC A N4    
162 C C5    . DC A 8  ? 0.9795 0.7116 1.0180 -0.0089 -0.1427 0.0287  8  DC A C5    
163 C C6    . DC A 8  ? 1.0249 0.7247 1.0824 -0.0028 -0.1737 0.0138  8  DC A C6    
164 P P     . DG A 9  ? 1.4774 1.0177 1.5878 0.0699  -0.2972 -0.0724 9  DG A P     
165 O OP1   . DG A 9  ? 1.6009 1.0843 1.7267 0.0897  -0.3418 -0.0962 9  DG A OP1   
166 O OP2   . DG A 9  ? 1.4126 0.9770 1.5445 0.0382  -0.2895 -0.0291 9  DG A OP2   
167 O "O5'" . DG A 9  ? 1.4127 0.9838 1.4893 0.0975  -0.2578 -0.0943 9  DG A "O5'" 
168 C "C5'" . DG A 9  ? 1.3659 0.9507 1.4034 0.1167  -0.2343 -0.1183 9  DG A "C5'" 
169 C "C4'" . DG A 9  ? 1.2916 0.9212 1.3145 0.1260  -0.1928 -0.1163 9  DG A "C4'" 
170 O "O4'" . DG A 9  ? 1.2136 0.8749 1.2261 0.0998  -0.1699 -0.0944 9  DG A "O4'" 
171 C "C3'" . DG A 9  ? 1.2820 0.9218 1.3340 0.1261  -0.1924 -0.1029 9  DG A "C3'" 
172 O "O3'" . DG A 9  ? 1.3194 0.9908 1.3659 0.1507  -0.1630 -0.1126 9  DG A "O3'" 
173 C "C2'" . DG A 9  ? 1.1990 0.8571 1.2567 0.0897  -0.1868 -0.0693 9  DG A "C2'" 
174 C "C1'" . DG A 9  ? 1.1179 0.7997 1.1440 0.0845  -0.1600 -0.0715 9  DG A "C1'" 
175 N N9    . DG A 9  ? 1.0046 0.6977 1.0226 0.0562  -0.1533 -0.0468 9  DG A N9    
176 C C8    . DG A 9  ? 0.9607 0.6444 0.9940 0.0337  -0.1692 -0.0209 9  DG A C8    
177 N N7    . DG A 9  ? 0.9373 0.6407 0.9529 0.0180  -0.1510 -0.0025 9  DG A N7    
178 C C5    . DG A 9  ? 0.8973 0.6188 0.8864 0.0288  -0.1262 -0.0193 9  DG A C5    
179 C C6    . DG A 9  ? 0.8885 0.6302 0.8501 0.0230  -0.1018 -0.0133 9  DG A C6    
180 O O6    . DG A 9  ? 0.9148 0.6653 0.8659 0.0104  -0.0933 0.0070  9  DG A O6    
181 N N1    . DG A 9  ? 0.8313 0.5842 0.7767 0.0366  -0.0854 -0.0321 9  DG A N1    
182 C C2    . DG A 9  ? 0.8440 0.5955 0.7967 0.0555  -0.0866 -0.0513 9  DG A C2    
183 N N2    . DG A 9  ? 0.8573 0.6259 0.7940 0.0660  -0.0665 -0.0605 9  DG A N2    
184 N N3    . DG A 9  ? 0.8730 0.6078 0.8469 0.0658  -0.1055 -0.0592 9  DG A N3    
185 C C4    . DG A 9  ? 0.9208 0.6385 0.9126 0.0508  -0.1269 -0.0438 9  DG A C4    
186 P P     . DG A 10 ? 1.3967 1.0714 1.4770 0.1750  -0.1668 -0.1158 10 DG A P     
187 O OP1   . DG A 10 ? 1.4212 1.0657 1.4889 0.2162  -0.1775 -0.1491 10 DG A OP1   
188 O OP2   . DG A 10 ? 1.4050 1.0703 1.5180 0.1480  -0.1901 -0.0900 10 DG A OP2   
189 O "O5'" . DG A 10 ? 1.2834 1.0123 1.3687 0.1829  -0.1281 -0.1063 10 DG A "O5'" 
190 C "C5'" . DG A 10 ? 1.1807 0.9335 1.2326 0.1909  -0.0982 -0.1133 10 DG A "C5'" 
191 C "C4'" . DG A 10 ? 1.0715 0.8601 1.1314 0.1643  -0.0798 -0.0877 10 DG A "C4'" 
192 O "O4'" . DG A 10 ? 1.0081 0.7788 1.0495 0.1300  -0.0927 -0.0771 10 DG A "O4'" 
193 C "C3'" . DG A 10 ? 1.0263 0.8374 1.1344 0.1577  -0.0829 -0.0662 10 DG A "C3'" 
194 O "O3'" . DG A 10 ? 0.9998 0.8538 1.1210 0.1568  -0.0570 -0.0512 10 DG A "O3'" 
195 C "C2'" . DG A 10 ? 0.9762 0.7629 1.0808 0.1223  -0.1084 -0.0504 10 DG A "C2'" 
196 C "C1'" . DG A 10 ? 0.9360 0.7168 0.9966 0.1072  -0.0983 -0.0538 10 DG A "C1'" 
197 N N9    . DG A 10 ? 0.8842 0.6408 0.9268 0.0809  -0.1151 -0.0431 10 DG A N9    
198 C C8    . DG A 10 ? 0.8835 0.6129 0.9366 0.0724  -0.1409 -0.0367 10 DG A C8    
199 N N7    . DG A 10 ? 0.8825 0.6034 0.9151 0.0495  -0.1446 -0.0209 10 DG A N7    
200 C C5    . DG A 10 ? 0.8436 0.5834 0.8482 0.0450  -0.1214 -0.0214 10 DG A C5    
201 C C6    . DG A 10 ? 0.8373 0.5788 0.8094 0.0287  -0.1118 -0.0095 10 DG A C6    
202 O O6    . DG A 10 ? 0.8608 0.5934 0.8224 0.0152  -0.1178 0.0076  10 DG A O6    
203 N N1    . DG A 10 ? 0.8122 0.5695 0.7647 0.0318  -0.0916 -0.0165 10 DG A N1    
204 C C2    . DG A 10 ? 0.8236 0.5974 0.7894 0.0456  -0.0808 -0.0279 10 DG A C2    
205 N N2    . DG A 10 ? 0.8286 0.6145 0.7762 0.0440  -0.0644 -0.0288 10 DG A N2    
206 N N3    . DG A 10 ? 0.8598 0.6393 0.8557 0.0618  -0.0846 -0.0354 10 DG A N3    
207 C C4    . DG A 10 ? 0.8481 0.6082 0.8603 0.0619  -0.1054 -0.0342 10 DG A C4    
208 P P     . DG A 11 ? 1.0056 0.8911 1.1860 0.1485  -0.0605 -0.0244 11 DG A P     
209 O OP1   . DG A 11 ? 1.0661 1.0013 1.2703 0.1626  -0.0288 -0.0118 11 DG A OP1   
210 O OP2   . DG A 11 ? 1.0653 0.9379 1.2815 0.1603  -0.0823 -0.0257 11 DG A OP2   
211 O "O5'" . DG A 11 ? 0.9698 0.8371 1.1316 0.1080  -0.0792 -0.0092 11 DG A "O5'" 
212 C "C5'" . DG A 11 ? 0.9248 0.7933 1.0497 0.0935  -0.0660 -0.0086 11 DG A "C5'" 
213 C "C4'" . DG A 11 ? 0.9053 0.7505 1.0124 0.0630  -0.0883 0.0037  11 DG A "C4'" 
214 O "O4'" . DG A 11 ? 0.8639 0.6750 0.9447 0.0552  -0.1070 -0.0013 11 DG A "O4'" 
215 C "C3'" . DG A 11 ? 0.9078 0.7632 1.0609 0.0522  -0.1087 0.0248  11 DG A "C3'" 
216 O "O3'" . DG A 11 ? 0.9462 0.7809 1.0729 0.0282  -0.1258 0.0334  11 DG A "O3'" 
217 C "C2'" . DG A 11 ? 0.8922 0.7265 1.0557 0.0529  -0.1329 0.0251  11 DG A "C2'" 
218 C "C1'" . DG A 11 ? 0.8565 0.6574 0.9616 0.0458  -0.1340 0.0130  11 DG A "C1'" 
219 N N9    . DG A 11 ? 0.8298 0.6119 0.9410 0.0530  -0.1471 0.0081  11 DG A N9    
220 C C8    . DG A 11 ? 0.8192 0.6074 0.9748 0.0729  -0.1533 0.0042  11 DG A C8    
221 N N7    . DG A 11 ? 0.8357 0.5951 0.9859 0.0736  -0.1704 0.0002  11 DG A N7    
222 C C5    . DG A 11 ? 0.8524 0.5928 0.9563 0.0519  -0.1722 0.0059  11 DG A C5    
223 C C6    . DG A 11 ? 0.8893 0.6021 0.9765 0.0406  -0.1871 0.0123  11 DG A C6    
224 O O6    . DG A 11 ? 0.9098 0.6023 1.0201 0.0452  -0.2072 0.0129  11 DG A O6    
225 N N1    . DG A 11 ? 0.8638 0.5743 0.9067 0.0229  -0.1771 0.0218  11 DG A N1    
226 C C2    . DG A 11 ? 0.8579 0.5822 0.8711 0.0185  -0.1590 0.0200  11 DG A C2    
227 N N2    . DG A 11 ? 0.8620 0.5807 0.8320 0.0068  -0.1499 0.0281  11 DG A N2    
228 N N3    . DG A 11 ? 0.8467 0.5899 0.8756 0.0261  -0.1506 0.0131  11 DG A N3    
229 C C4    . DG A 11 ? 0.8410 0.5947 0.9174 0.0417  -0.1564 0.0086  11 DG A C4    
230 P P     . DA A 12 ? 0.9568 0.8066 1.1298 0.0150  -0.1425 0.0554  12 DA A P     
231 O OP1   . DA A 12 ? 0.9938 0.8958 1.2240 0.0307  -0.1144 0.0657  12 DA A OP1   
232 O OP2   . DA A 12 ? 0.9500 0.7806 1.1423 0.0033  -0.1808 0.0672  12 DA A OP2   
233 O "O5'" . DA A 12 ? 0.9754 0.7952 1.0923 -0.0011 -0.1478 0.0503  12 DA A "O5'" 
234 C "C5'" . DA A 12 ? 0.9486 0.7719 1.0278 0.0060  -0.1182 0.0369  12 DA A "C5'" 
235 C "C4'" . DA A 12 ? 0.9671 0.7477 0.9759 -0.0039 -0.1280 0.0259  12 DA A "C4'" 
236 O "O4'" . DA A 12 ? 0.9313 0.6925 0.9019 -0.0008 -0.1292 0.0174  12 DA A "O4'" 
237 C "C3'" . DA A 12 ? 1.0555 0.8021 1.0517 -0.0201 -0.1645 0.0335  12 DA A "C3'" 
238 O "O3'" . DA A 12 ? 1.2757 0.9939 1.2204 -0.0228 -0.1642 0.0237  12 DA A "O3'" 
239 C "C2'" . DA A 12 ? 1.0195 0.7366 0.9816 -0.0224 -0.1856 0.0318  12 DA A "C2'" 
240 C "C1'" . DA A 12 ? 0.9441 0.6667 0.8717 -0.0113 -0.1562 0.0200  12 DA A "C1'" 
241 N N9    . DA A 12 ? 0.9009 0.6145 0.8202 -0.0105 -0.1647 0.0240  12 DA A N9    
242 C C8    . DA A 12 ? 0.8659 0.5983 0.8331 -0.0052 -0.1656 0.0285  12 DA A C8    
243 N N7    . DA A 12 ? 0.8914 0.6058 0.8396 -0.0077 -0.1775 0.0344  12 DA A N7    
244 C C5    . DA A 12 ? 0.9167 0.6037 0.7967 -0.0132 -0.1798 0.0350  12 DA A C5    
245 C C6    . DA A 12 ? 0.9426 0.6067 0.7717 -0.0159 -0.1862 0.0448  12 DA A C6    
246 N N6    . DA A 12 ? 0.9366 0.5992 0.7820 -0.0183 -0.1962 0.0583  12 DA A N6    
247 N N1    . DA A 12 ? 0.9940 0.6359 0.7533 -0.0138 -0.1817 0.0423  12 DA A N1    
248 C C2    . DA A 12 ? 0.9778 0.6156 0.7229 -0.0108 -0.1757 0.0284  12 DA A C2    
249 N N3    . DA A 12 ? 0.9391 0.5958 0.7325 -0.0122 -0.1722 0.0205  12 DA A N3    
250 C C4    . DA A 12 ? 0.9189 0.6027 0.7786 -0.0131 -0.1725 0.0258  12 DA A C4    
251 P P     . DG A 13 ? 1.3465 1.0757 1.3224 -0.0286 -0.1620 0.0320  13 DG A P     
252 O OP1   . DG A 13 ? 1.3499 1.0364 1.2592 -0.0278 -0.1673 0.0168  13 DG A OP1   
253 O OP2   . DG A 13 ? 1.2787 1.0618 1.3010 -0.0182 -0.1254 0.0388  13 DG A OP2   
254 O "O5'" . DG A 13 ? 1.3524 1.0742 1.3813 -0.0457 -0.2037 0.0524  13 DG A "O5'" 
# 
loop_
_pdbx_poly_seq_scheme.asym_id 
_pdbx_poly_seq_scheme.entity_id 
_pdbx_poly_seq_scheme.seq_id 
_pdbx_poly_seq_scheme.mon_id 
_pdbx_poly_seq_scheme.ndb_seq_num 
_pdbx_poly_seq_scheme.pdb_seq_num 
_pdbx_poly_seq_scheme.auth_seq_num 
_pdbx_poly_seq_scheme.pdb_mon_id 
_pdbx_poly_seq_scheme.auth_mon_id 
_pdbx_poly_seq_scheme.pdb_strand_id 
_pdbx_poly_seq_scheme.pdb_ins_code 
_pdbx_poly_seq_scheme.hetero 
A 1 1  DG 1  1  1  DG DG A . n 
A 1 2  DG 2  2  2  DG DG A . n 
A 1 3  DA 3  3  3  DA DA A . n 
A 1 4  DC 4  4  4  DC DC A . n 
A 1 5  DG 5  5  5  DG DG A . n 
A 1 6  DG 6  6  6  DG DG A . n 
A 1 7  DC 7  7  7  DC DC A . n 
A 1 8  DC 8  8  8  DC DC A . n 
A 1 9  DG 9  9  9  DG DG A . n 
A 1 10 DG 10 10 10 DG DG A . n 
A 1 11 DG 11 11 11 DG DG A . n 
A 1 12 DA 12 12 12 DA DA A . n 
A 1 13 DG 13 13 13 DG DG A . n 
# 
loop_
_pdbx_nonpoly_scheme.asym_id 
_pdbx_nonpoly_scheme.entity_id 
_pdbx_nonpoly_scheme.mon_id 
_pdbx_nonpoly_scheme.ndb_seq_num 
_pdbx_nonpoly_scheme.pdb_seq_num 
_pdbx_nonpoly_scheme.auth_seq_num 
_pdbx_nonpoly_scheme.pdb_mon_id 
_pdbx_nonpoly_scheme.auth_mon_id 
_pdbx_nonpoly_scheme.pdb_strand_id 
_pdbx_nonpoly_scheme.pdb_ins_code 
B 2 MG  1 101 1 MG  MG  A . 
C 3 HOH 1 201 1 HOH HOH A . 
# 
_pdbx_struct_assembly.id                   1 
_pdbx_struct_assembly.details              author_defined_assembly 
_pdbx_struct_assembly.method_details       ? 
_pdbx_struct_assembly.oligomeric_details   dimeric 
_pdbx_struct_assembly.oligomeric_count     2 
# 
_pdbx_struct_assembly_gen.assembly_id       1 
_pdbx_struct_assembly_gen.oper_expression   1,2 
_pdbx_struct_assembly_gen.asym_id_list      A,B,C 
# 
loop_
_pdbx_struct_oper_list.id 
_pdbx_struct_oper_list.type 
_pdbx_struct_oper_list.name 
_pdbx_struct_oper_list.symmetry_operation 
_pdbx_struct_oper_list.matrix[1][1] 
_pdbx_struct_oper_list.matrix[1][2] 
_pdbx_struct_oper_list.matrix[1][3] 
_pdbx_struct_oper_list.vector[1] 
_pdbx_struct_oper_list.matrix[2][1] 
_pdbx_struct_oper_list.matrix[2][2] 
_pdbx_struct_oper_list.matrix[2][3] 
_pdbx_struct_oper_list.vector[2] 
_pdbx_struct_oper_list.matrix[3][1] 
_pdbx_struct_oper_list.matrix[3][2] 
_pdbx_struct_oper_list.matrix[3][3] 
_pdbx_struct_oper_list.vector[3] 
1 'identity operation'         1_555 x,y,z     1.0000000000  0.0000000000  0.0000000000  0.0000000000  0.0000000000  1.0000000000 0.0000000000 0.0000000000  0.0000000000  0.0000000000 1.0000000000  0.0000000000  
2 'crystal symmetry operation' 4_545 -x,-y-1,z -0.9194673985 -0.3923669403 -0.0250576773 -5.0676177136 -0.3923669403 0.9116707152 0.1220847705 -0.8294834473 -0.0250576773 0.1220847705 -0.9922033167 -3.2982528478 
# 
loop_
_pdbx_audit_revision_history.ordinal 
_pdbx_audit_revision_history.data_content_type 
_pdbx_audit_revision_history.major_revision 
_pdbx_audit_revision_history.minor_revision 
_pdbx_audit_revision_history.revision_date 
1 'Structure model' 1 0 2015-06-17 
2 'Structure model' 1 1 2015-09-09 
3 'Structure model' 1 2 2023-09-20 
# 
_pdbx_audit_revision_details.ordinal             1 
_pdbx_audit_revision_details.revision_ordinal    1 
_pdbx_audit_revision_details.data_content_type   'Structure model' 
_pdbx_audit_revision_details.provider            repository 
_pdbx_audit_revision_details.type                'Initial release' 
_pdbx_audit_revision_details.description         ? 
_pdbx_audit_revision_details.details             ? 
# 
loop_
_pdbx_audit_revision_group.ordinal 
_pdbx_audit_revision_group.revision_ordinal 
_pdbx_audit_revision_group.data_content_type 
_pdbx_audit_revision_group.group 
1 2 'Structure model' 'Database references'    
2 3 'Structure model' 'Data collection'        
3 3 'Structure model' 'Database references'    
4 3 'Structure model' 'Derived calculations'   
5 3 'Structure model' 'Refinement description' 
# 
loop_
_pdbx_audit_revision_category.ordinal 
_pdbx_audit_revision_category.revision_ordinal 
_pdbx_audit_revision_category.data_content_type 
_pdbx_audit_revision_category.category 
1 3 'Structure model' chem_comp_atom                
2 3 'Structure model' chem_comp_bond                
3 3 'Structure model' database_2                    
4 3 'Structure model' pdbx_initial_refinement_model 
5 3 'Structure model' struct_site                   
# 
loop_
_pdbx_audit_revision_item.ordinal 
_pdbx_audit_revision_item.revision_ordinal 
_pdbx_audit_revision_item.data_content_type 
_pdbx_audit_revision_item.item 
1 3 'Structure model' '_database_2.pdbx_DOI'                
2 3 'Structure model' '_database_2.pdbx_database_accession' 
3 3 'Structure model' '_struct_site.pdbx_auth_asym_id'      
4 3 'Structure model' '_struct_site.pdbx_auth_comp_id'      
5 3 'Structure model' '_struct_site.pdbx_auth_seq_id'       
# 
_pdbx_refine_tls.pdbx_refine_id   'X-RAY DIFFRACTION' 
_pdbx_refine_tls.id               1 
_pdbx_refine_tls.details          ? 
_pdbx_refine_tls.method           refined 
_pdbx_refine_tls.origin_x         -0.0429 
_pdbx_refine_tls.origin_y         -0.0666 
_pdbx_refine_tls.origin_z         -0.0697 
_pdbx_refine_tls.T[1][1]          0.2834 
_pdbx_refine_tls.T[2][2]          0.0793 
_pdbx_refine_tls.T[3][3]          0.1703 
_pdbx_refine_tls.T[1][2]          0.0510 
_pdbx_refine_tls.T[1][3]          -0.0378 
_pdbx_refine_tls.T[2][3]          -0.0543 
_pdbx_refine_tls.L[1][1]          4.8269 
_pdbx_refine_tls.L[2][2]          6.3556 
_pdbx_refine_tls.L[3][3]          3.5675 
_pdbx_refine_tls.L[1][2]          -2.0512 
_pdbx_refine_tls.L[1][3]          2.7942 
_pdbx_refine_tls.L[2][3]          -2.6172 
_pdbx_refine_tls.S[1][1]          0.4777 
_pdbx_refine_tls.S[1][2]          0.0570 
_pdbx_refine_tls.S[1][3]          -0.7339 
_pdbx_refine_tls.S[2][1]          -0.2093 
_pdbx_refine_tls.S[2][2]          -0.0360 
_pdbx_refine_tls.S[2][3]          0.3059 
_pdbx_refine_tls.S[3][1]          0.2899 
_pdbx_refine_tls.S[3][2]          -0.1142 
_pdbx_refine_tls.S[3][3]          -0.4416 
# 
_pdbx_refine_tls_group.pdbx_refine_id      'X-RAY DIFFRACTION' 
_pdbx_refine_tls_group.id                  1 
_pdbx_refine_tls_group.refine_tls_id       1 
_pdbx_refine_tls_group.beg_auth_asym_id    A 
_pdbx_refine_tls_group.beg_auth_seq_id     1 
_pdbx_refine_tls_group.beg_label_asym_id   ? 
_pdbx_refine_tls_group.beg_label_seq_id    ? 
_pdbx_refine_tls_group.end_auth_asym_id    A 
_pdbx_refine_tls_group.end_auth_seq_id     13 
_pdbx_refine_tls_group.end_label_asym_id   ? 
_pdbx_refine_tls_group.end_label_seq_id    ? 
_pdbx_refine_tls_group.selection           ? 
_pdbx_refine_tls_group.selection_details   ? 
# 
_software.name             REFMAC 
_software.classification   refinement 
_software.version          5.8.0073 
_software.citation_id      ? 
_software.pdbx_ordinal     1 
# 
loop_
_pdbx_unobs_or_zero_occ_atoms.id 
_pdbx_unobs_or_zero_occ_atoms.PDB_model_num 
_pdbx_unobs_or_zero_occ_atoms.polymer_flag 
_pdbx_unobs_or_zero_occ_atoms.occupancy_flag 
_pdbx_unobs_or_zero_occ_atoms.auth_asym_id 
_pdbx_unobs_or_zero_occ_atoms.auth_comp_id 
_pdbx_unobs_or_zero_occ_atoms.auth_seq_id 
_pdbx_unobs_or_zero_occ_atoms.PDB_ins_code 
_pdbx_unobs_or_zero_occ_atoms.auth_atom_id 
_pdbx_unobs_or_zero_occ_atoms.label_alt_id 
_pdbx_unobs_or_zero_occ_atoms.label_asym_id 
_pdbx_unobs_or_zero_occ_atoms.label_comp_id 
_pdbx_unobs_or_zero_occ_atoms.label_seq_id 
_pdbx_unobs_or_zero_occ_atoms.label_atom_id 
1  1 Y 1 A DG 13 ? "C5'" ? A DG 13 "C5'" 
2  1 Y 1 A DG 13 ? "C4'" ? A DG 13 "C4'" 
3  1 Y 1 A DG 13 ? "O4'" ? A DG 13 "O4'" 
4  1 Y 1 A DG 13 ? "C3'" ? A DG 13 "C3'" 
5  1 Y 1 A DG 13 ? "O3'" ? A DG 13 "O3'" 
6  1 Y 1 A DG 13 ? "C2'" ? A DG 13 "C2'" 
7  1 Y 1 A DG 13 ? "C1'" ? A DG 13 "C1'" 
8  1 Y 1 A DG 13 ? N9    ? A DG 13 N9    
9  1 Y 1 A DG 13 ? C8    ? A DG 13 C8    
10 1 Y 1 A DG 13 ? N7    ? A DG 13 N7    
11 1 Y 1 A DG 13 ? C5    ? A DG 13 C5    
12 1 Y 1 A DG 13 ? C6    ? A DG 13 C6    
13 1 Y 1 A DG 13 ? O6    ? A DG 13 O6    
14 1 Y 1 A DG 13 ? N1    ? A DG 13 N1    
15 1 Y 1 A DG 13 ? C2    ? A DG 13 C2    
16 1 Y 1 A DG 13 ? N2    ? A DG 13 N2    
17 1 Y 1 A DG 13 ? N3    ? A DG 13 N3    
18 1 Y 1 A DG 13 ? C4    ? A DG 13 C4    
# 
loop_
_chem_comp_atom.comp_id 
_chem_comp_atom.atom_id 
_chem_comp_atom.type_symbol 
_chem_comp_atom.pdbx_aromatic_flag 
_chem_comp_atom.pdbx_stereo_config 
_chem_comp_atom.pdbx_ordinal 
DA  OP3    O  N N 1   
DA  P      P  N N 2   
DA  OP1    O  N N 3   
DA  OP2    O  N N 4   
DA  "O5'"  O  N N 5   
DA  "C5'"  C  N N 6   
DA  "C4'"  C  N R 7   
DA  "O4'"  O  N N 8   
DA  "C3'"  C  N S 9   
DA  "O3'"  O  N N 10  
DA  "C2'"  C  N N 11  
DA  "C1'"  C  N R 12  
DA  N9     N  Y N 13  
DA  C8     C  Y N 14  
DA  N7     N  Y N 15  
DA  C5     C  Y N 16  
DA  C6     C  Y N 17  
DA  N6     N  N N 18  
DA  N1     N  Y N 19  
DA  C2     C  Y N 20  
DA  N3     N  Y N 21  
DA  C4     C  Y N 22  
DA  HOP3   H  N N 23  
DA  HOP2   H  N N 24  
DA  "H5'"  H  N N 25  
DA  "H5''" H  N N 26  
DA  "H4'"  H  N N 27  
DA  "H3'"  H  N N 28  
DA  "HO3'" H  N N 29  
DA  "H2'"  H  N N 30  
DA  "H2''" H  N N 31  
DA  "H1'"  H  N N 32  
DA  H8     H  N N 33  
DA  H61    H  N N 34  
DA  H62    H  N N 35  
DA  H2     H  N N 36  
DC  OP3    O  N N 37  
DC  P      P  N N 38  
DC  OP1    O  N N 39  
DC  OP2    O  N N 40  
DC  "O5'"  O  N N 41  
DC  "C5'"  C  N N 42  
DC  "C4'"  C  N R 43  
DC  "O4'"  O  N N 44  
DC  "C3'"  C  N S 45  
DC  "O3'"  O  N N 46  
DC  "C2'"  C  N N 47  
DC  "C1'"  C  N R 48  
DC  N1     N  N N 49  
DC  C2     C  N N 50  
DC  O2     O  N N 51  
DC  N3     N  N N 52  
DC  C4     C  N N 53  
DC  N4     N  N N 54  
DC  C5     C  N N 55  
DC  C6     C  N N 56  
DC  HOP3   H  N N 57  
DC  HOP2   H  N N 58  
DC  "H5'"  H  N N 59  
DC  "H5''" H  N N 60  
DC  "H4'"  H  N N 61  
DC  "H3'"  H  N N 62  
DC  "HO3'" H  N N 63  
DC  "H2'"  H  N N 64  
DC  "H2''" H  N N 65  
DC  "H1'"  H  N N 66  
DC  H41    H  N N 67  
DC  H42    H  N N 68  
DC  H5     H  N N 69  
DC  H6     H  N N 70  
DG  OP3    O  N N 71  
DG  P      P  N N 72  
DG  OP1    O  N N 73  
DG  OP2    O  N N 74  
DG  "O5'"  O  N N 75  
DG  "C5'"  C  N N 76  
DG  "C4'"  C  N R 77  
DG  "O4'"  O  N N 78  
DG  "C3'"  C  N S 79  
DG  "O3'"  O  N N 80  
DG  "C2'"  C  N N 81  
DG  "C1'"  C  N R 82  
DG  N9     N  Y N 83  
DG  C8     C  Y N 84  
DG  N7     N  Y N 85  
DG  C5     C  Y N 86  
DG  C6     C  N N 87  
DG  O6     O  N N 88  
DG  N1     N  N N 89  
DG  C2     C  N N 90  
DG  N2     N  N N 91  
DG  N3     N  N N 92  
DG  C4     C  Y N 93  
DG  HOP3   H  N N 94  
DG  HOP2   H  N N 95  
DG  "H5'"  H  N N 96  
DG  "H5''" H  N N 97  
DG  "H4'"  H  N N 98  
DG  "H3'"  H  N N 99  
DG  "HO3'" H  N N 100 
DG  "H2'"  H  N N 101 
DG  "H2''" H  N N 102 
DG  "H1'"  H  N N 103 
DG  H8     H  N N 104 
DG  H1     H  N N 105 
DG  H21    H  N N 106 
DG  H22    H  N N 107 
HOH O      O  N N 108 
HOH H1     H  N N 109 
HOH H2     H  N N 110 
MG  MG     MG N N 111 
# 
loop_
_chem_comp_bond.comp_id 
_chem_comp_bond.atom_id_1 
_chem_comp_bond.atom_id_2 
_chem_comp_bond.value_order 
_chem_comp_bond.pdbx_aromatic_flag 
_chem_comp_bond.pdbx_stereo_config 
_chem_comp_bond.pdbx_ordinal 
DA  OP3   P      sing N N 1   
DA  OP3   HOP3   sing N N 2   
DA  P     OP1    doub N N 3   
DA  P     OP2    sing N N 4   
DA  P     "O5'"  sing N N 5   
DA  OP2   HOP2   sing N N 6   
DA  "O5'" "C5'"  sing N N 7   
DA  "C5'" "C4'"  sing N N 8   
DA  "C5'" "H5'"  sing N N 9   
DA  "C5'" "H5''" sing N N 10  
DA  "C4'" "O4'"  sing N N 11  
DA  "C4'" "C3'"  sing N N 12  
DA  "C4'" "H4'"  sing N N 13  
DA  "O4'" "C1'"  sing N N 14  
DA  "C3'" "O3'"  sing N N 15  
DA  "C3'" "C2'"  sing N N 16  
DA  "C3'" "H3'"  sing N N 17  
DA  "O3'" "HO3'" sing N N 18  
DA  "C2'" "C1'"  sing N N 19  
DA  "C2'" "H2'"  sing N N 20  
DA  "C2'" "H2''" sing N N 21  
DA  "C1'" N9     sing N N 22  
DA  "C1'" "H1'"  sing N N 23  
DA  N9    C8     sing Y N 24  
DA  N9    C4     sing Y N 25  
DA  C8    N7     doub Y N 26  
DA  C8    H8     sing N N 27  
DA  N7    C5     sing Y N 28  
DA  C5    C6     sing Y N 29  
DA  C5    C4     doub Y N 30  
DA  C6    N6     sing N N 31  
DA  C6    N1     doub Y N 32  
DA  N6    H61    sing N N 33  
DA  N6    H62    sing N N 34  
DA  N1    C2     sing Y N 35  
DA  C2    N3     doub Y N 36  
DA  C2    H2     sing N N 37  
DA  N3    C4     sing Y N 38  
DC  OP3   P      sing N N 39  
DC  OP3   HOP3   sing N N 40  
DC  P     OP1    doub N N 41  
DC  P     OP2    sing N N 42  
DC  P     "O5'"  sing N N 43  
DC  OP2   HOP2   sing N N 44  
DC  "O5'" "C5'"  sing N N 45  
DC  "C5'" "C4'"  sing N N 46  
DC  "C5'" "H5'"  sing N N 47  
DC  "C5'" "H5''" sing N N 48  
DC  "C4'" "O4'"  sing N N 49  
DC  "C4'" "C3'"  sing N N 50  
DC  "C4'" "H4'"  sing N N 51  
DC  "O4'" "C1'"  sing N N 52  
DC  "C3'" "O3'"  sing N N 53  
DC  "C3'" "C2'"  sing N N 54  
DC  "C3'" "H3'"  sing N N 55  
DC  "O3'" "HO3'" sing N N 56  
DC  "C2'" "C1'"  sing N N 57  
DC  "C2'" "H2'"  sing N N 58  
DC  "C2'" "H2''" sing N N 59  
DC  "C1'" N1     sing N N 60  
DC  "C1'" "H1'"  sing N N 61  
DC  N1    C2     sing N N 62  
DC  N1    C6     sing N N 63  
DC  C2    O2     doub N N 64  
DC  C2    N3     sing N N 65  
DC  N3    C4     doub N N 66  
DC  C4    N4     sing N N 67  
DC  C4    C5     sing N N 68  
DC  N4    H41    sing N N 69  
DC  N4    H42    sing N N 70  
DC  C5    C6     doub N N 71  
DC  C5    H5     sing N N 72  
DC  C6    H6     sing N N 73  
DG  OP3   P      sing N N 74  
DG  OP3   HOP3   sing N N 75  
DG  P     OP1    doub N N 76  
DG  P     OP2    sing N N 77  
DG  P     "O5'"  sing N N 78  
DG  OP2   HOP2   sing N N 79  
DG  "O5'" "C5'"  sing N N 80  
DG  "C5'" "C4'"  sing N N 81  
DG  "C5'" "H5'"  sing N N 82  
DG  "C5'" "H5''" sing N N 83  
DG  "C4'" "O4'"  sing N N 84  
DG  "C4'" "C3'"  sing N N 85  
DG  "C4'" "H4'"  sing N N 86  
DG  "O4'" "C1'"  sing N N 87  
DG  "C3'" "O3'"  sing N N 88  
DG  "C3'" "C2'"  sing N N 89  
DG  "C3'" "H3'"  sing N N 90  
DG  "O3'" "HO3'" sing N N 91  
DG  "C2'" "C1'"  sing N N 92  
DG  "C2'" "H2'"  sing N N 93  
DG  "C2'" "H2''" sing N N 94  
DG  "C1'" N9     sing N N 95  
DG  "C1'" "H1'"  sing N N 96  
DG  N9    C8     sing Y N 97  
DG  N9    C4     sing Y N 98  
DG  C8    N7     doub Y N 99  
DG  C8    H8     sing N N 100 
DG  N7    C5     sing Y N 101 
DG  C5    C6     sing N N 102 
DG  C5    C4     doub Y N 103 
DG  C6    O6     doub N N 104 
DG  C6    N1     sing N N 105 
DG  N1    C2     sing N N 106 
DG  N1    H1     sing N N 107 
DG  C2    N2     sing N N 108 
DG  C2    N3     doub N N 109 
DG  N2    H21    sing N N 110 
DG  N2    H22    sing N N 111 
DG  N3    C4     sing N N 112 
HOH O     H1     sing N N 113 
HOH O     H2     sing N N 114 
# 
_ndb_struct_conf_na.entry_id   4ROZ 
_ndb_struct_conf_na.feature    'b-form double helix' 
# 
loop_
_ndb_struct_na_base_pair.model_number 
_ndb_struct_na_base_pair.i_label_asym_id 
_ndb_struct_na_base_pair.i_label_comp_id 
_ndb_struct_na_base_pair.i_label_seq_id 
_ndb_struct_na_base_pair.i_symmetry 
_ndb_struct_na_base_pair.j_label_asym_id 
_ndb_struct_na_base_pair.j_label_comp_id 
_ndb_struct_na_base_pair.j_label_seq_id 
_ndb_struct_na_base_pair.j_symmetry 
_ndb_struct_na_base_pair.shear 
_ndb_struct_na_base_pair.stretch 
_ndb_struct_na_base_pair.stagger 
_ndb_struct_na_base_pair.buckle 
_ndb_struct_na_base_pair.propeller 
_ndb_struct_na_base_pair.opening 
_ndb_struct_na_base_pair.pair_number 
_ndb_struct_na_base_pair.pair_name 
_ndb_struct_na_base_pair.i_auth_asym_id 
_ndb_struct_na_base_pair.i_auth_seq_id 
_ndb_struct_na_base_pair.i_PDB_ins_code 
_ndb_struct_na_base_pair.j_auth_asym_id 
_ndb_struct_na_base_pair.j_auth_seq_id 
_ndb_struct_na_base_pair.j_PDB_ins_code 
_ndb_struct_na_base_pair.hbond_type_28 
_ndb_struct_na_base_pair.hbond_type_12 
1 A DC 4 1_555 A DG 9 4_545 0.438  -0.288 0.327 -7.267 -5.207  -0.422 1 A_DC4:DG9_A A 4 ? A 9 ? 19 1 
1 A DG 5 1_555 A DC 8 4_545 -0.359 0.035  0.245 6.300  -9.026  5.119  2 A_DG5:DC8_A A 5 ? A 8 ? 19 1 
1 A DG 6 1_555 A DC 7 4_545 0.219  0.110  0.301 0.158  -10.485 0.131  3 A_DG6:DC7_A A 6 ? A 7 ? 19 1 
1 A DC 7 1_555 A DG 6 4_545 -0.219 0.110  0.301 -0.158 -10.485 0.131  4 A_DC7:DG6_A A 7 ? A 6 ? 19 1 
1 A DC 8 1_555 A DG 5 4_545 0.359  0.035  0.245 -6.300 -9.026  5.119  5 A_DC8:DG5_A A 8 ? A 5 ? 19 1 
1 A DG 9 1_555 A DC 4 4_545 -0.438 -0.288 0.327 7.267  -5.207  -0.422 6 A_DG9:DC4_A A 9 ? A 4 ? 19 1 
# 
loop_
_ndb_struct_na_base_pair_step.model_number 
_ndb_struct_na_base_pair_step.i_label_asym_id_1 
_ndb_struct_na_base_pair_step.i_label_comp_id_1 
_ndb_struct_na_base_pair_step.i_label_seq_id_1 
_ndb_struct_na_base_pair_step.i_symmetry_1 
_ndb_struct_na_base_pair_step.j_label_asym_id_1 
_ndb_struct_na_base_pair_step.j_label_comp_id_1 
_ndb_struct_na_base_pair_step.j_label_seq_id_1 
_ndb_struct_na_base_pair_step.j_symmetry_1 
_ndb_struct_na_base_pair_step.i_label_asym_id_2 
_ndb_struct_na_base_pair_step.i_label_comp_id_2 
_ndb_struct_na_base_pair_step.i_label_seq_id_2 
_ndb_struct_na_base_pair_step.i_symmetry_2 
_ndb_struct_na_base_pair_step.j_label_asym_id_2 
_ndb_struct_na_base_pair_step.j_label_comp_id_2 
_ndb_struct_na_base_pair_step.j_label_seq_id_2 
_ndb_struct_na_base_pair_step.j_symmetry_2 
_ndb_struct_na_base_pair_step.shift 
_ndb_struct_na_base_pair_step.slide 
_ndb_struct_na_base_pair_step.rise 
_ndb_struct_na_base_pair_step.tilt 
_ndb_struct_na_base_pair_step.roll 
_ndb_struct_na_base_pair_step.twist 
_ndb_struct_na_base_pair_step.x_displacement 
_ndb_struct_na_base_pair_step.y_displacement 
_ndb_struct_na_base_pair_step.helical_rise 
_ndb_struct_na_base_pair_step.inclination 
_ndb_struct_na_base_pair_step.tip 
_ndb_struct_na_base_pair_step.helical_twist 
_ndb_struct_na_base_pair_step.step_number 
_ndb_struct_na_base_pair_step.step_name 
_ndb_struct_na_base_pair_step.i_auth_asym_id_1 
_ndb_struct_na_base_pair_step.i_auth_seq_id_1 
_ndb_struct_na_base_pair_step.i_PDB_ins_code_1 
_ndb_struct_na_base_pair_step.j_auth_asym_id_1 
_ndb_struct_na_base_pair_step.j_auth_seq_id_1 
_ndb_struct_na_base_pair_step.j_PDB_ins_code_1 
_ndb_struct_na_base_pair_step.i_auth_asym_id_2 
_ndb_struct_na_base_pair_step.i_auth_seq_id_2 
_ndb_struct_na_base_pair_step.i_PDB_ins_code_2 
_ndb_struct_na_base_pair_step.j_auth_asym_id_2 
_ndb_struct_na_base_pair_step.j_auth_seq_id_2 
_ndb_struct_na_base_pair_step.j_PDB_ins_code_2 
1 A DC 4 1_555 A DG 9 4_545 A DG 5 1_555 A DC 8 4_545 -0.290 0.930  3.078 4.006  3.722 30.297 1.060  1.293  3.104 7.048 -7.587 
30.775 1 AA_DC4DG5:DC8DG9_AA A 4 ? A 9 ? A 5 ? A 8 ? 
1 A DG 5 1_555 A DC 8 4_545 A DG 6 1_555 A DC 7 4_545 -0.290 0.877  3.454 -3.128 1.741 42.165 1.026  0.061  3.497 2.414 4.338  
42.309 2 AA_DG5DG6:DC7DC8_AA A 5 ? A 8 ? A 6 ? A 7 ? 
1 A DG 6 1_555 A DC 7 4_545 A DC 7 1_555 A DG 6 4_545 0.000  -0.255 3.260 0.000  5.159 31.512 -1.392 0.000  3.179 9.421 0.000  
31.921 3 AA_DG6DC7:DG6DC7_AA A 6 ? A 7 ? A 7 ? A 6 ? 
1 A DC 7 1_555 A DG 6 4_545 A DC 8 1_555 A DG 5 4_545 0.290  0.877  3.454 3.128  1.741 42.165 1.026  -0.061 3.497 2.414 -4.338 
42.309 4 AA_DC7DC8:DG5DG6_AA A 7 ? A 6 ? A 8 ? A 5 ? 
1 A DC 8 1_555 A DG 5 4_545 A DG 9 1_555 A DC 4 4_545 0.290  0.930  3.078 -4.006 3.722 30.297 1.060  -1.293 3.104 7.048 7.587  
30.775 5 AA_DC8DG9:DC4DG5_AA A 8 ? A 5 ? A 9 ? A 4 ? 
# 
loop_
_pdbx_entity_nonpoly.entity_id 
_pdbx_entity_nonpoly.name 
_pdbx_entity_nonpoly.comp_id 
2 'MAGNESIUM ION' MG  
3 water           HOH 
# 
_pdbx_initial_refinement_model.id               1 
_pdbx_initial_refinement_model.entity_id_list   ? 
_pdbx_initial_refinement_model.type             'experimental model' 
_pdbx_initial_refinement_model.source_name      PDB 
_pdbx_initial_refinement_model.accession_code   1P1Y 
_pdbx_initial_refinement_model.details          'PDB ENTRY 1p1y' 
# 
